data_9BKC
#
_entry.id   9BKC
#
_cell.length_a   84.010
_cell.length_b   84.010
_cell.length_c   123.780
_cell.angle_alpha   90.000
_cell.angle_beta   90.000
_cell.angle_gamma   90.000
#
_symmetry.space_group_name_H-M   'P 43'
#
loop_
_entity.id
_entity.type
_entity.pdbx_description
1 polymer 'Rid family protein PFL1385'
2 water water
#
_entity_poly.entity_id   1
_entity_poly.type   'polypeptide(L)'
_entity_poly.pdbx_seq_one_letter_code
;MSLKSTVVGLGLLFAASSSWAAGIQRVPSSYPNSPILQSVTLPANSEVTYLSGLLPDPVDPKASKEQIHAEGNTEAQARV
VLRKVETILASQGLTLGDVVQLRIYLVGDPALGGKLDFDGLQVAFREFFGTQKQPLKPARTTVQVAGLVLPGALIEVETV
AARAR
;
_entity_poly.pdbx_strand_id   A,B,C,D,E,F
#
# COMPACT_ATOMS: atom_id res chain seq x y z
N GLN A 38 15.13 -9.78 -10.41
CA GLN A 38 13.68 -9.68 -10.47
C GLN A 38 13.07 -9.29 -9.11
N SER A 39 12.70 -10.33 -8.34
CA SER A 39 12.16 -10.15 -7.00
C SER A 39 12.65 -11.29 -6.13
N VAL A 40 12.83 -10.97 -4.85
CA VAL A 40 13.16 -11.96 -3.84
C VAL A 40 12.20 -11.73 -2.70
N THR A 41 11.60 -12.81 -2.19
CA THR A 41 10.63 -12.69 -1.12
C THR A 41 11.07 -13.54 0.06
N LEU A 42 11.09 -12.95 1.26
CA LEU A 42 11.55 -13.63 2.47
C LEU A 42 10.36 -14.15 3.26
N PRO A 43 10.35 -15.44 3.63
CA PRO A 43 9.33 -15.93 4.56
C PRO A 43 9.43 -15.17 5.86
N ALA A 44 8.32 -15.15 6.61
CA ALA A 44 8.37 -14.46 7.89
C ALA A 44 9.23 -15.15 8.94
N ASN A 45 9.96 -16.22 8.60
CA ASN A 45 10.87 -16.86 9.54
C ASN A 45 12.27 -16.30 9.46
N SER A 46 12.49 -15.28 8.63
CA SER A 46 13.83 -14.92 8.23
C SER A 46 14.55 -14.11 9.29
N GLU A 47 15.84 -14.38 9.43
CA GLU A 47 16.75 -13.52 10.18
C GLU A 47 17.53 -12.67 9.20
N VAL A 48 17.41 -11.35 9.35
CA VAL A 48 17.89 -10.40 8.36
C VAL A 48 19.12 -9.71 8.92
N THR A 49 20.13 -9.57 8.07
CA THR A 49 21.41 -8.93 8.40
C THR A 49 21.65 -7.73 7.49
N TYR A 50 21.97 -6.59 8.09
CA TYR A 50 22.27 -5.36 7.37
C TYR A 50 23.76 -5.05 7.48
N LEU A 51 24.41 -4.87 6.33
CA LEU A 51 25.80 -4.41 6.30
C LEU A 51 25.89 -2.92 6.00
N SER A 52 26.87 -2.27 6.60
CA SER A 52 27.27 -0.96 6.15
C SER A 52 27.78 -1.02 4.72
N GLY A 53 27.69 0.12 4.05
CA GLY A 53 28.26 0.21 2.71
C GLY A 53 29.75 -0.09 2.74
N LEU A 54 30.21 -0.79 1.71
CA LEU A 54 31.60 -1.22 1.65
C LEU A 54 32.28 -0.49 0.50
N LEU A 55 33.45 0.06 0.78
CA LEU A 55 34.31 0.74 -0.16
C LEU A 55 35.52 -0.13 -0.45
N PRO A 56 36.22 0.11 -1.56
CA PRO A 56 37.50 -0.57 -1.78
C PRO A 56 38.56 -0.04 -0.82
N ASP A 57 39.67 -0.79 -0.72
CA ASP A 57 40.70 -0.37 0.22
C ASP A 57 41.48 0.83 -0.33
N PRO A 58 41.85 1.78 0.51
CA PRO A 58 42.77 2.83 0.05
C PRO A 58 44.13 2.25 -0.25
N VAL A 59 44.80 2.88 -1.22
CA VAL A 59 46.14 2.47 -1.63
C VAL A 59 47.18 2.77 -0.55
N ASP A 60 46.94 3.73 0.34
CA ASP A 60 47.78 3.92 1.52
C ASP A 60 46.90 4.20 2.71
N PRO A 61 46.55 3.19 3.51
CA PRO A 61 45.64 3.42 4.64
C PRO A 61 46.25 4.31 5.70
N LYS A 62 47.58 4.45 5.69
CA LYS A 62 48.30 5.34 6.60
C LYS A 62 48.66 6.66 5.96
N ALA A 63 48.37 6.84 4.67
CA ALA A 63 48.56 8.16 4.10
C ALA A 63 47.72 9.18 4.87
N SER A 64 48.03 10.44 4.58
CA SER A 64 47.40 11.58 5.24
C SER A 64 45.93 11.66 4.89
N LYS A 65 45.20 12.40 5.71
CA LYS A 65 43.79 12.57 5.42
C LYS A 65 43.63 13.29 4.07
N GLU A 66 44.66 13.99 3.66
CA GLU A 66 44.60 14.80 2.45
C GLU A 66 45.08 14.06 1.20
N GLN A 67 45.84 12.97 1.36
CA GLN A 67 46.22 12.13 0.23
C GLN A 67 45.56 10.75 0.20
N ILE A 68 44.71 10.41 1.17
CA ILE A 68 44.14 9.06 1.17
C ILE A 68 43.25 8.86 -0.04
N HIS A 69 43.44 7.75 -0.74
CA HIS A 69 42.70 7.53 -1.96
C HIS A 69 42.80 6.06 -2.34
N ALA A 70 41.83 5.61 -3.12
CA ALA A 70 41.81 4.25 -3.64
C ALA A 70 42.14 4.30 -5.11
N GLU A 71 42.54 3.14 -5.64
CA GLU A 71 42.99 3.05 -7.02
C GLU A 71 42.38 1.83 -7.69
N GLY A 72 42.51 1.79 -9.01
CA GLY A 72 41.98 0.73 -9.84
C GLY A 72 40.73 1.15 -10.59
N ASN A 73 40.38 0.34 -11.59
CA ASN A 73 39.17 0.57 -12.34
C ASN A 73 37.99 -0.10 -11.63
N THR A 74 36.78 0.05 -12.17
CA THR A 74 35.58 -0.42 -11.48
C THR A 74 35.59 -1.93 -11.31
N GLU A 75 35.99 -2.66 -12.35
CA GLU A 75 35.99 -4.12 -12.26
C GLU A 75 36.90 -4.58 -11.14
N ALA A 76 38.11 -4.02 -11.06
CA ALA A 76 39.05 -4.40 -10.01
C ALA A 76 38.47 -4.07 -8.63
N GLN A 77 37.96 -2.84 -8.47
CA GLN A 77 37.41 -2.42 -7.18
C GLN A 77 36.17 -3.22 -6.80
N ALA A 78 35.32 -3.52 -7.77
CA ALA A 78 34.12 -4.29 -7.43
C ALA A 78 34.51 -5.66 -6.94
N ARG A 79 35.54 -6.23 -7.54
CA ARG A 79 36.02 -7.52 -7.10
C ARG A 79 36.51 -7.44 -5.65
N VAL A 80 37.22 -6.37 -5.30
CA VAL A 80 37.61 -6.15 -3.90
C VAL A 80 36.38 -5.96 -3.00
N VAL A 81 35.40 -5.17 -3.43
CA VAL A 81 34.28 -4.86 -2.55
C VAL A 81 33.38 -6.08 -2.37
N LEU A 82 33.11 -6.82 -3.44
CA LEU A 82 32.30 -8.02 -3.32
C LEU A 82 32.96 -9.06 -2.43
N ARG A 83 34.31 -9.11 -2.45
CA ARG A 83 35.04 -10.00 -1.55
C ARG A 83 34.82 -9.62 -0.10
N LYS A 84 34.84 -8.33 0.21
CA LYS A 84 34.52 -7.88 1.56
C LYS A 84 33.12 -8.34 1.96
N VAL A 85 32.17 -8.31 1.03
CA VAL A 85 30.83 -8.83 1.33
C VAL A 85 30.89 -10.31 1.65
N GLU A 86 31.54 -11.08 0.77
CA GLU A 86 31.72 -12.52 1.00
C GLU A 86 32.33 -12.77 2.37
N THR A 87 33.40 -12.07 2.66
CA THR A 87 34.16 -12.30 3.88
C THR A 87 33.32 -11.98 5.11
N ILE A 88 32.68 -10.80 5.11
CA ILE A 88 31.83 -10.40 6.23
C ILE A 88 30.67 -11.38 6.43
N LEU A 89 30.03 -11.80 5.35
CA LEU A 89 28.94 -12.76 5.48
C LEU A 89 29.44 -14.08 6.05
N ALA A 90 30.57 -14.57 5.51
CA ALA A 90 31.13 -15.83 6.01
C ALA A 90 31.40 -15.75 7.50
N SER A 91 31.91 -14.62 7.98
CA SER A 91 32.15 -14.47 9.40
C SER A 91 30.85 -14.43 10.21
N GLN A 92 29.70 -14.28 9.57
CA GLN A 92 28.40 -14.30 10.25
C GLN A 92 27.65 -15.60 9.99
N GLY A 93 28.31 -16.61 9.44
CA GLY A 93 27.60 -17.82 9.10
C GLY A 93 26.73 -17.72 7.86
N LEU A 94 26.91 -16.68 7.05
CA LEU A 94 26.09 -16.45 5.87
C LEU A 94 26.92 -16.63 4.60
N THR A 95 26.21 -16.95 3.51
CA THR A 95 26.83 -17.08 2.19
C THR A 95 26.28 -16.05 1.22
N LEU A 96 26.95 -15.95 0.06
CA LEU A 96 26.50 -15.04 -0.97
C LEU A 96 25.12 -15.41 -1.49
N GLY A 97 24.75 -16.70 -1.36
CA GLY A 97 23.40 -17.08 -1.70
C GLY A 97 22.36 -16.53 -0.75
N ASP A 98 22.77 -16.16 0.46
CA ASP A 98 21.84 -15.56 1.42
C ASP A 98 21.55 -14.09 1.13
N VAL A 99 22.23 -13.48 0.16
CA VAL A 99 22.01 -12.07 -0.13
C VAL A 99 20.63 -11.91 -0.76
N VAL A 100 19.84 -10.97 -0.24
CA VAL A 100 18.53 -10.71 -0.77
C VAL A 100 18.49 -9.39 -1.55
N GLN A 101 19.30 -8.40 -1.16
CA GLN A 101 19.31 -7.10 -1.79
C GLN A 101 20.73 -6.55 -1.83
N LEU A 102 21.12 -6.11 -3.01
CA LEU A 102 22.41 -5.49 -3.28
C LEU A 102 22.17 -4.12 -3.86
N ARG A 103 22.61 -3.07 -3.19
CA ARG A 103 22.60 -1.74 -3.77
C ARG A 103 24.02 -1.36 -4.12
N ILE A 104 24.26 -1.04 -5.38
CA ILE A 104 25.59 -0.74 -5.87
C ILE A 104 25.58 0.72 -6.32
N TYR A 105 26.48 1.52 -5.73
CA TYR A 105 26.65 2.92 -6.10
C TYR A 105 27.95 3.09 -6.86
N LEU A 106 27.87 3.52 -8.10
CA LEU A 106 29.04 3.73 -8.92
C LEU A 106 29.34 5.22 -9.09
N VAL A 107 30.62 5.53 -9.21
CA VAL A 107 31.07 6.85 -9.61
C VAL A 107 31.52 6.74 -11.05
N GLY A 108 31.24 7.77 -11.85
CA GLY A 108 31.67 7.76 -13.22
C GLY A 108 33.19 7.68 -13.31
N ASP A 109 33.66 6.92 -14.30
CA ASP A 109 35.09 6.72 -14.48
C ASP A 109 35.65 7.87 -15.31
N PRO A 110 36.60 8.65 -14.80
CA PRO A 110 37.20 9.69 -15.65
C PRO A 110 37.68 9.14 -16.99
N ALA A 111 38.28 7.94 -16.98
CA ALA A 111 38.68 7.25 -18.21
C ALA A 111 37.51 7.01 -19.15
N LEU A 112 36.27 7.07 -18.65
CA LEU A 112 35.06 6.94 -19.45
C LEU A 112 34.31 8.27 -19.60
N GLY A 113 35.02 9.40 -19.48
CA GLY A 113 34.37 10.70 -19.56
C GLY A 113 33.41 10.96 -18.42
N GLY A 114 33.57 10.29 -17.28
CA GLY A 114 32.60 10.44 -16.22
C GLY A 114 31.39 9.54 -16.31
N LYS A 115 31.41 8.56 -17.22
CA LYS A 115 30.34 7.58 -17.34
C LYS A 115 30.57 6.42 -16.38
N LEU A 116 29.48 5.83 -15.91
CA LEU A 116 29.58 4.67 -15.04
C LEU A 116 30.07 3.47 -15.85
N ASP A 117 30.91 2.65 -15.23
CA ASP A 117 31.49 1.49 -15.89
C ASP A 117 30.66 0.27 -15.51
N PHE A 118 29.47 0.18 -16.12
CA PHE A 118 28.58 -0.94 -15.82
C PHE A 118 29.17 -2.26 -16.32
N ASP A 119 29.87 -2.23 -17.45
CA ASP A 119 30.45 -3.47 -17.98
C ASP A 119 31.53 -4.02 -17.05
N GLY A 120 32.40 -3.16 -16.52
CA GLY A 120 33.33 -3.60 -15.50
C GLY A 120 32.64 -4.19 -14.29
N LEU A 121 31.61 -3.50 -13.80
CA LEU A 121 30.82 -4.01 -12.69
C LEU A 121 30.26 -5.39 -12.98
N GLN A 122 29.75 -5.60 -14.20
CA GLN A 122 29.11 -6.86 -14.51
C GLN A 122 30.10 -8.01 -14.52
N VAL A 123 31.31 -7.74 -15.02
CA VAL A 123 32.34 -8.76 -15.03
C VAL A 123 32.56 -9.26 -13.61
N ALA A 124 32.78 -8.33 -12.68
CA ALA A 124 33.01 -8.70 -11.29
C ALA A 124 31.77 -9.35 -10.68
N PHE A 125 30.61 -8.73 -10.87
CA PHE A 125 29.38 -9.23 -10.26
C PHE A 125 29.14 -10.70 -10.63
N ARG A 126 29.42 -11.07 -11.88
CA ARG A 126 29.13 -12.42 -12.35
C ARG A 126 30.10 -13.46 -11.79
N GLU A 127 31.31 -13.06 -11.40
CA GLU A 127 32.16 -14.00 -10.67
C GLU A 127 31.57 -14.37 -9.31
N PHE A 128 30.61 -13.58 -8.80
CA PHE A 128 30.08 -13.79 -7.47
C PHE A 128 28.64 -14.27 -7.41
N PHE A 129 27.81 -13.95 -8.40
CA PHE A 129 26.40 -14.32 -8.34
C PHE A 129 26.01 -14.98 -9.64
N GLY A 130 25.04 -15.89 -9.56
CA GLY A 130 24.63 -16.61 -10.75
C GLY A 130 25.63 -17.58 -11.33
N THR A 131 26.63 -17.99 -10.56
CA THR A 131 27.58 -19.02 -11.00
C THR A 131 26.98 -20.41 -10.86
N GLN A 132 27.81 -21.45 -10.91
CA GLN A 132 27.30 -22.80 -10.72
C GLN A 132 27.40 -23.25 -9.27
N LYS A 133 28.51 -22.93 -8.58
CA LYS A 133 28.55 -23.10 -7.13
C LYS A 133 27.54 -22.19 -6.43
N GLN A 134 27.39 -20.95 -6.90
CA GLN A 134 26.51 -19.99 -6.23
C GLN A 134 25.53 -19.48 -7.28
N PRO A 135 24.38 -20.14 -7.44
CA PRO A 135 23.46 -19.79 -8.53
C PRO A 135 22.56 -18.60 -8.25
N LEU A 136 22.29 -18.27 -6.99
CA LEU A 136 21.29 -17.27 -6.68
C LEU A 136 21.75 -15.85 -7.05
N LYS A 137 20.80 -15.01 -7.44
CA LYS A 137 21.06 -13.60 -7.70
C LYS A 137 20.07 -12.81 -6.86
N PRO A 138 20.51 -11.79 -6.15
CA PRO A 138 19.60 -11.02 -5.28
C PRO A 138 18.90 -9.91 -6.07
N ALA A 139 17.89 -9.33 -5.43
CA ALA A 139 17.37 -8.07 -5.92
C ALA A 139 18.51 -7.06 -5.88
N ARG A 140 18.69 -6.30 -6.96
CA ARG A 140 19.79 -5.36 -6.97
C ARG A 140 19.42 -4.06 -7.67
N THR A 141 20.22 -3.04 -7.39
CA THR A 141 20.04 -1.72 -7.96
C THR A 141 21.43 -1.15 -8.16
N THR A 142 21.71 -0.66 -9.37
CA THR A 142 22.97 -0.01 -9.69
C THR A 142 22.69 1.38 -10.22
N VAL A 143 23.17 2.39 -9.51
CA VAL A 143 22.96 3.77 -9.91
C VAL A 143 24.29 4.48 -9.82
N GLN A 144 24.40 5.58 -10.56
CA GLN A 144 25.60 6.40 -10.57
C GLN A 144 25.40 7.58 -9.63
N VAL A 145 26.20 7.63 -8.57
CA VAL A 145 26.16 8.74 -7.62
C VAL A 145 27.19 9.75 -8.09
N ALA A 146 27.21 10.92 -7.45
CA ALA A 146 28.16 11.99 -7.76
C ALA A 146 29.51 11.77 -7.08
N GLY A 147 29.54 11.09 -5.95
CA GLY A 147 30.79 10.88 -5.25
C GLY A 147 30.62 9.91 -4.12
N LEU A 148 31.76 9.42 -3.65
CA LEU A 148 31.88 8.57 -2.48
C LEU A 148 32.85 9.22 -1.52
N VAL A 149 32.87 8.72 -0.29
CA VAL A 149 33.66 9.36 0.74
C VAL A 149 35.15 9.08 0.62
N LEU A 150 35.55 8.08 -0.15
CA LEU A 150 36.95 7.77 -0.36
C LEU A 150 37.37 8.25 -1.74
N PRO A 151 38.26 9.24 -1.85
CA PRO A 151 38.72 9.67 -3.18
C PRO A 151 39.30 8.50 -3.97
N GLY A 152 39.05 8.50 -5.28
CA GLY A 152 39.45 7.40 -6.13
C GLY A 152 38.55 6.19 -6.10
N ALA A 153 37.63 6.10 -5.16
CA ALA A 153 36.69 4.99 -5.11
C ALA A 153 35.64 5.14 -6.22
N LEU A 154 35.39 4.06 -6.95
CA LEU A 154 34.40 4.08 -8.01
C LEU A 154 33.17 3.24 -7.69
N ILE A 155 33.15 2.57 -6.54
CA ILE A 155 32.04 1.69 -6.19
C ILE A 155 31.94 1.58 -4.67
N GLU A 156 30.70 1.61 -4.18
CA GLU A 156 30.32 1.25 -2.82
C GLU A 156 29.17 0.26 -2.94
N VAL A 157 29.18 -0.78 -2.12
CA VAL A 157 28.12 -1.80 -2.16
C VAL A 157 27.49 -1.93 -0.77
N GLU A 158 26.16 -1.92 -0.74
CA GLU A 158 25.37 -2.04 0.47
C GLU A 158 24.58 -3.34 0.40
N THR A 159 24.58 -4.10 1.49
CA THR A 159 24.11 -5.47 1.46
C THR A 159 23.06 -5.70 2.52
N VAL A 160 22.02 -6.45 2.15
CA VAL A 160 21.06 -7.02 3.09
C VAL A 160 21.02 -8.52 2.82
N ALA A 161 21.16 -9.32 3.88
CA ALA A 161 21.14 -10.76 3.73
C ALA A 161 20.17 -11.38 4.72
N ALA A 162 19.74 -12.59 4.41
CA ALA A 162 18.85 -13.30 5.32
C ALA A 162 18.97 -14.79 5.11
N ARG A 163 19.08 -15.54 6.19
CA ARG A 163 18.90 -16.98 6.10
C ARG A 163 17.55 -17.36 6.68
N ALA A 164 16.72 -17.97 5.84
CA ALA A 164 15.44 -18.50 6.27
C ALA A 164 15.63 -19.54 7.38
N ARG A 165 14.54 -19.82 8.09
CA ARG A 165 14.56 -20.81 9.15
C ARG A 165 13.31 -21.68 9.10
N GLN B 38 5.85 9.41 6.08
CA GLN B 38 6.32 9.34 7.47
C GLN B 38 7.02 8.03 7.83
N SER B 39 6.27 7.08 8.42
CA SER B 39 6.84 5.80 8.81
C SER B 39 5.85 4.69 8.51
N VAL B 40 6.39 3.51 8.24
CA VAL B 40 5.60 2.31 8.05
C VAL B 40 6.19 1.24 8.94
N THR B 41 5.35 0.48 9.63
CA THR B 41 5.82 -0.56 10.52
C THR B 41 5.33 -1.91 10.04
N LEU B 42 6.27 -2.87 9.92
CA LEU B 42 6.00 -4.23 9.49
C LEU B 42 5.83 -5.11 10.71
N PRO B 43 4.74 -5.83 10.75
CA PRO B 43 4.55 -6.86 11.77
C PRO B 43 5.65 -7.91 11.66
N ALA B 44 5.93 -8.55 12.78
CA ALA B 44 6.95 -9.60 12.75
C ALA B 44 6.49 -10.82 11.95
N ASN B 45 5.23 -10.91 11.58
CA ASN B 45 4.69 -12.01 10.79
C ASN B 45 4.63 -11.71 9.30
N SER B 46 5.30 -10.66 8.86
CA SER B 46 5.18 -10.20 7.50
C SER B 46 6.03 -11.03 6.56
N GLU B 47 5.52 -11.18 5.35
CA GLU B 47 6.29 -11.71 4.24
C GLU B 47 6.79 -10.51 3.44
N VAL B 48 8.10 -10.39 3.24
CA VAL B 48 8.70 -9.19 2.67
C VAL B 48 9.29 -9.53 1.31
N THR B 49 8.99 -8.71 0.32
CA THR B 49 9.47 -8.92 -1.04
C THR B 49 10.31 -7.72 -1.49
N TYR B 50 11.50 -8.02 -2.00
CA TYR B 50 12.43 -7.02 -2.49
C TYR B 50 12.47 -7.10 -4.00
N LEU B 51 12.28 -5.96 -4.66
CA LEU B 51 12.45 -5.87 -6.11
C LEU B 51 13.79 -5.26 -6.49
N SER B 52 14.31 -5.70 -7.63
CA SER B 52 15.40 -4.99 -8.27
C SER B 52 14.94 -3.59 -8.68
N GLY B 53 15.90 -2.69 -8.84
CA GLY B 53 15.58 -1.38 -9.38
C GLY B 53 14.98 -1.52 -10.77
N LEU B 54 13.97 -0.71 -11.06
CA LEU B 54 13.27 -0.79 -12.33
C LEU B 54 13.47 0.51 -13.10
N LEU B 55 13.78 0.36 -14.36
CA LEU B 55 13.98 1.41 -15.33
C LEU B 55 12.80 1.42 -16.29
N PRO B 56 12.61 2.49 -17.04
CA PRO B 56 11.60 2.45 -18.09
C PRO B 56 12.02 1.46 -19.15
N ASP B 57 11.07 1.06 -19.98
CA ASP B 57 11.38 0.11 -21.01
C ASP B 57 12.18 0.80 -22.11
N PRO B 58 13.16 0.15 -22.69
CA PRO B 58 13.77 0.70 -23.91
C PRO B 58 12.72 0.75 -25.01
N VAL B 59 12.86 1.75 -25.89
CA VAL B 59 11.85 1.94 -26.92
C VAL B 59 11.86 0.77 -27.88
N ASP B 60 13.00 0.11 -28.03
CA ASP B 60 13.11 -1.13 -28.78
C ASP B 60 13.90 -2.11 -27.93
N PRO B 61 13.23 -2.97 -27.16
CA PRO B 61 13.97 -3.93 -26.31
C PRO B 61 14.82 -4.88 -27.13
N LYS B 62 14.63 -4.90 -28.45
CA LYS B 62 15.39 -5.74 -29.37
C LYS B 62 16.59 -5.02 -29.98
N ALA B 63 16.77 -3.73 -29.72
CA ALA B 63 17.92 -3.01 -30.25
C ALA B 63 19.22 -3.61 -29.69
N SER B 64 20.33 -3.25 -30.35
CA SER B 64 21.62 -3.76 -29.90
C SER B 64 21.94 -3.22 -28.52
N LYS B 65 22.93 -3.84 -27.88
CA LYS B 65 23.32 -3.35 -26.56
C LYS B 65 23.74 -1.90 -26.63
N GLU B 66 24.21 -1.46 -27.80
CA GLU B 66 24.77 -0.13 -27.98
C GLU B 66 23.74 0.90 -28.41
N GLN B 67 22.59 0.49 -28.94
CA GLN B 67 21.54 1.45 -29.27
C GLN B 67 20.35 1.38 -28.33
N ILE B 68 20.35 0.45 -27.38
CA ILE B 68 19.23 0.34 -26.45
C ILE B 68 19.17 1.60 -25.60
N HIS B 69 17.98 2.17 -25.48
CA HIS B 69 17.81 3.46 -24.83
C HIS B 69 16.34 3.69 -24.50
N ALA B 70 16.12 4.61 -23.57
CA ALA B 70 14.77 5.02 -23.20
C ALA B 70 14.51 6.42 -23.71
N GLU B 71 13.23 6.75 -23.80
CA GLU B 71 12.77 8.03 -24.31
C GLU B 71 11.68 8.53 -23.38
N GLY B 72 11.34 9.82 -23.50
CA GLY B 72 10.32 10.44 -22.70
C GLY B 72 10.89 11.30 -21.58
N ASN B 73 10.05 12.19 -21.07
CA ASN B 73 10.44 13.02 -19.94
C ASN B 73 10.19 12.26 -18.63
N THR B 74 10.47 12.90 -17.50
CA THR B 74 10.41 12.19 -16.23
C THR B 74 8.99 11.71 -15.90
N GLU B 75 7.98 12.56 -16.14
CA GLU B 75 6.62 12.15 -15.86
C GLU B 75 6.22 10.92 -16.66
N ALA B 76 6.53 10.93 -17.96
CA ALA B 76 6.16 9.80 -18.79
C ALA B 76 6.88 8.53 -18.35
N GLN B 77 8.20 8.64 -18.08
CA GLN B 77 8.98 7.47 -17.68
C GLN B 77 8.55 6.94 -16.31
N ALA B 78 8.21 7.84 -15.38
CA ALA B 78 7.78 7.40 -14.06
C ALA B 78 6.50 6.60 -14.16
N ARG B 79 5.61 7.02 -15.05
CA ARG B 79 4.35 6.33 -15.27
C ARG B 79 4.61 4.92 -15.79
N VAL B 80 5.55 4.77 -16.70
CA VAL B 80 5.93 3.45 -17.20
C VAL B 80 6.51 2.59 -16.08
N VAL B 81 7.39 3.17 -15.27
CA VAL B 81 8.08 2.37 -14.26
C VAL B 81 7.13 1.97 -13.14
N LEU B 82 6.26 2.88 -12.70
CA LEU B 82 5.31 2.49 -11.66
C LEU B 82 4.36 1.39 -12.13
N ARG B 83 4.00 1.39 -13.41
CA ARG B 83 3.20 0.30 -13.95
C ARG B 83 3.96 -1.01 -13.89
N LYS B 84 5.24 -1.00 -14.23
CA LYS B 84 6.06 -2.21 -14.10
C LYS B 84 6.08 -2.72 -12.67
N VAL B 85 6.16 -1.81 -11.69
CA VAL B 85 6.12 -2.24 -10.30
C VAL B 85 4.79 -2.92 -10.01
N GLU B 86 3.68 -2.30 -10.43
CA GLU B 86 2.37 -2.91 -10.25
C GLU B 86 2.31 -4.29 -10.88
N THR B 87 2.77 -4.41 -12.12
CA THR B 87 2.66 -5.68 -12.83
C THR B 87 3.47 -6.77 -12.17
N ILE B 88 4.72 -6.48 -11.80
CA ILE B 88 5.56 -7.44 -11.10
C ILE B 88 4.93 -7.83 -9.77
N LEU B 89 4.44 -6.85 -9.02
CA LEU B 89 3.84 -7.13 -7.72
C LEU B 89 2.60 -8.00 -7.87
N ALA B 90 1.71 -7.65 -8.81
CA ALA B 90 0.49 -8.42 -9.04
C ALA B 90 0.82 -9.86 -9.39
N SER B 91 1.88 -10.08 -10.14
CA SER B 91 2.26 -11.46 -10.46
C SER B 91 2.70 -12.23 -9.23
N GLN B 92 2.87 -11.57 -8.09
CA GLN B 92 3.17 -12.18 -6.81
C GLN B 92 1.98 -12.15 -5.87
N GLY B 93 0.79 -11.86 -6.37
CA GLY B 93 -0.32 -11.72 -5.46
C GLY B 93 -0.29 -10.46 -4.61
N LEU B 94 0.55 -9.48 -4.94
CA LEU B 94 0.66 -8.27 -4.14
C LEU B 94 0.09 -7.08 -4.90
N THR B 95 -0.30 -6.05 -4.14
CA THR B 95 -0.82 -4.80 -4.68
C THR B 95 0.05 -3.61 -4.31
N LEU B 96 -0.26 -2.46 -4.94
CA LEU B 96 0.42 -1.22 -4.62
C LEU B 96 0.18 -0.79 -3.19
N GLY B 97 -0.92 -1.25 -2.57
CA GLY B 97 -1.13 -1.01 -1.14
C GLY B 97 -0.15 -1.76 -0.26
N ASP B 98 0.45 -2.84 -0.76
CA ASP B 98 1.45 -3.62 -0.05
C ASP B 98 2.85 -2.98 -0.05
N VAL B 99 3.04 -1.88 -0.80
CA VAL B 99 4.37 -1.27 -0.85
C VAL B 99 4.68 -0.61 0.49
N VAL B 100 5.84 -0.91 1.04
CA VAL B 100 6.26 -0.30 2.28
C VAL B 100 7.35 0.74 2.06
N GLN B 101 8.21 0.57 1.06
CA GLN B 101 9.29 1.50 0.82
C GLN B 101 9.54 1.65 -0.68
N LEU B 102 9.60 2.89 -1.13
CA LEU B 102 9.90 3.26 -2.50
C LEU B 102 11.14 4.15 -2.53
N ARG B 103 12.19 3.73 -3.20
CA ARG B 103 13.32 4.61 -3.44
C ARG B 103 13.38 4.99 -4.92
N ILE B 104 13.34 6.29 -5.19
CA ILE B 104 13.25 6.82 -6.55
C ILE B 104 14.51 7.63 -6.82
N TYR B 105 15.24 7.21 -7.85
CA TYR B 105 16.46 7.87 -8.29
C TYR B 105 16.15 8.59 -9.60
N LEU B 106 16.29 9.91 -9.59
CA LEU B 106 16.06 10.71 -10.78
C LEU B 106 17.39 11.17 -11.36
N VAL B 107 17.41 11.32 -12.68
CA VAL B 107 18.50 11.98 -13.40
C VAL B 107 18.04 13.39 -13.72
N GLY B 108 18.95 14.35 -13.64
CA GLY B 108 18.60 15.73 -13.93
C GLY B 108 18.20 15.93 -15.39
N ASP B 109 17.21 16.78 -15.61
CA ASP B 109 16.71 17.16 -16.91
C ASP B 109 17.37 18.46 -17.37
N PRO B 110 18.02 18.51 -18.53
CA PRO B 110 18.64 19.78 -18.98
C PRO B 110 17.70 20.98 -19.00
N ALA B 111 16.46 20.80 -19.46
CA ALA B 111 15.51 21.92 -19.49
C ALA B 111 15.23 22.51 -18.11
N LEU B 112 15.52 21.76 -17.04
CA LEU B 112 15.34 22.25 -15.68
C LEU B 112 16.66 22.66 -15.06
N GLY B 113 17.60 23.14 -15.87
CA GLY B 113 18.91 23.51 -15.39
C GLY B 113 19.78 22.35 -14.96
N GLY B 114 19.52 21.15 -15.46
CA GLY B 114 20.24 19.97 -15.02
C GLY B 114 19.74 19.37 -13.71
N LYS B 115 18.66 19.90 -13.15
CA LYS B 115 18.06 19.46 -11.90
C LYS B 115 17.06 18.32 -12.12
N LEU B 116 16.81 17.59 -11.05
CA LEU B 116 15.81 16.52 -11.08
C LEU B 116 14.41 17.10 -11.31
N ASP B 117 13.61 16.38 -12.10
CA ASP B 117 12.24 16.78 -12.45
C ASP B 117 11.27 16.19 -11.42
N PHE B 118 11.30 16.77 -10.22
CA PHE B 118 10.45 16.27 -9.15
C PHE B 118 8.97 16.50 -9.44
N ASP B 119 8.63 17.62 -10.10
CA ASP B 119 7.22 17.90 -10.36
C ASP B 119 6.64 16.89 -11.35
N GLY B 120 7.40 16.57 -12.39
CA GLY B 120 7.02 15.49 -13.28
C GLY B 120 6.83 14.17 -12.54
N LEU B 121 7.75 13.86 -11.63
CA LEU B 121 7.62 12.65 -10.80
C LEU B 121 6.35 12.69 -9.96
N GLN B 122 6.07 13.83 -9.33
CA GLN B 122 4.96 13.85 -8.40
C GLN B 122 3.63 13.66 -9.12
N VAL B 123 3.51 14.15 -10.35
CA VAL B 123 2.30 13.91 -11.14
C VAL B 123 2.05 12.41 -11.29
N ALA B 124 3.07 11.67 -11.75
CA ALA B 124 2.90 10.24 -11.96
C ALA B 124 2.66 9.52 -10.65
N PHE B 125 3.42 9.87 -9.62
CA PHE B 125 3.27 9.22 -8.33
C PHE B 125 1.86 9.40 -7.76
N ARG B 126 1.26 10.56 -7.97
CA ARG B 126 -0.08 10.79 -7.42
C ARG B 126 -1.16 10.01 -8.15
N GLU B 127 -0.94 9.64 -9.41
CA GLU B 127 -1.86 8.77 -10.13
C GLU B 127 -1.89 7.34 -9.57
N PHE B 128 -0.85 6.91 -8.87
CA PHE B 128 -0.69 5.55 -8.38
C PHE B 128 -0.84 5.42 -6.87
N PHE B 129 -0.55 6.47 -6.10
CA PHE B 129 -0.61 6.40 -4.65
C PHE B 129 -1.43 7.57 -4.12
N GLY B 130 -2.10 7.34 -3.00
CA GLY B 130 -3.00 8.32 -2.45
C GLY B 130 -4.24 8.60 -3.28
N THR B 131 -4.52 7.80 -4.31
CA THR B 131 -5.79 7.87 -5.02
C THR B 131 -6.85 7.06 -4.27
N GLN B 132 -7.92 6.72 -4.99
CA GLN B 132 -9.05 5.93 -4.52
C GLN B 132 -8.95 4.47 -4.93
N LYS B 133 -8.51 4.17 -6.17
CA LYS B 133 -8.16 2.79 -6.49
C LYS B 133 -7.17 2.24 -5.48
N GLN B 134 -6.17 3.04 -5.11
CA GLN B 134 -5.15 2.69 -4.13
C GLN B 134 -4.95 3.86 -3.16
N PRO B 135 -5.47 3.81 -1.93
CA PRO B 135 -5.27 4.95 -1.01
C PRO B 135 -3.91 5.04 -0.30
N LEU B 136 -3.20 3.93 -0.09
CA LEU B 136 -2.02 3.93 0.77
C LEU B 136 -0.80 4.62 0.14
N LYS B 137 0.05 5.20 1.00
CA LYS B 137 1.36 5.73 0.56
C LYS B 137 2.48 5.08 1.38
N PRO B 138 3.55 4.63 0.73
CA PRO B 138 4.67 4.02 1.43
C PRO B 138 5.67 5.07 1.89
N ALA B 139 6.59 4.63 2.74
CA ALA B 139 7.78 5.42 2.99
C ALA B 139 8.57 5.56 1.70
N ARG B 140 9.02 6.77 1.38
CA ARG B 140 9.69 6.98 0.11
C ARG B 140 10.83 7.98 0.23
N THR B 141 11.69 7.91 -0.77
CA THR B 141 12.88 8.74 -0.85
C THR B 141 13.13 9.01 -2.32
N THR B 142 13.32 10.28 -2.67
CA THR B 142 13.69 10.71 -4.00
C THR B 142 14.98 11.52 -3.95
N VAL B 143 16.00 11.05 -4.66
CA VAL B 143 17.28 11.73 -4.70
C VAL B 143 17.66 11.88 -6.16
N GLN B 144 18.52 12.85 -6.45
CA GLN B 144 19.03 13.04 -7.80
C GLN B 144 20.34 12.32 -7.92
N VAL B 145 20.40 11.35 -8.83
CA VAL B 145 21.62 10.64 -9.13
C VAL B 145 22.31 11.26 -10.34
N ALA B 146 23.56 10.85 -10.58
CA ALA B 146 24.33 11.34 -11.70
C ALA B 146 24.00 10.58 -12.98
N GLY B 147 23.58 9.33 -12.86
CA GLY B 147 23.28 8.58 -14.07
C GLY B 147 22.64 7.26 -13.73
N LEU B 148 22.05 6.68 -14.76
CA LEU B 148 21.48 5.36 -14.70
C LEU B 148 22.10 4.54 -15.82
N VAL B 149 21.91 3.23 -15.73
CA VAL B 149 22.59 2.33 -16.64
C VAL B 149 21.99 2.37 -18.05
N LEU B 150 20.77 2.84 -18.20
CA LEU B 150 20.13 2.84 -19.51
C LEU B 150 20.13 4.25 -20.08
N PRO B 151 20.81 4.47 -21.22
CA PRO B 151 20.82 5.81 -21.83
C PRO B 151 19.43 6.35 -22.06
N GLY B 152 19.28 7.65 -21.83
CA GLY B 152 18.01 8.34 -21.93
C GLY B 152 17.10 8.16 -20.74
N ALA B 153 17.38 7.20 -19.85
CA ALA B 153 16.55 6.99 -18.67
C ALA B 153 16.74 8.13 -17.67
N LEU B 154 15.61 8.63 -17.17
CA LEU B 154 15.61 9.69 -16.18
C LEU B 154 15.15 9.22 -14.80
N ILE B 155 14.72 7.97 -14.65
CA ILE B 155 14.18 7.49 -13.37
C ILE B 155 14.40 5.99 -13.24
N GLU B 156 14.80 5.58 -12.04
CA GLU B 156 14.81 4.19 -11.59
C GLU B 156 14.10 4.13 -10.25
N VAL B 157 13.30 3.08 -10.04
CA VAL B 157 12.53 2.89 -8.82
C VAL B 157 12.87 1.55 -8.18
N GLU B 158 13.11 1.57 -6.87
CA GLU B 158 13.42 0.38 -6.08
C GLU B 158 12.31 0.13 -5.05
N THR B 159 11.85 -1.10 -4.93
CA THR B 159 10.61 -1.34 -4.21
C THR B 159 10.81 -2.37 -3.12
N VAL B 160 10.20 -2.12 -1.98
CA VAL B 160 10.02 -3.12 -0.94
C VAL B 160 8.53 -3.20 -0.62
N ALA B 161 8.01 -4.42 -0.62
CA ALA B 161 6.61 -4.64 -0.30
C ALA B 161 6.53 -5.73 0.75
N ALA B 162 5.43 -5.74 1.48
CA ALA B 162 5.24 -6.72 2.52
C ALA B 162 3.75 -6.99 2.66
N ARG B 163 3.41 -8.28 2.70
CA ARG B 163 2.04 -8.69 2.98
C ARG B 163 2.00 -9.13 4.43
N ALA B 164 1.16 -8.47 5.22
CA ALA B 164 0.95 -8.90 6.59
C ALA B 164 0.23 -10.26 6.56
N ARG B 165 -0.05 -10.79 7.73
CA ARG B 165 -0.49 -12.17 7.74
C ARG B 165 -1.30 -12.57 8.97
N SER C 39 27.87 -4.68 11.23
CA SER C 39 26.71 -5.35 10.67
C SER C 39 25.67 -5.51 11.77
N VAL C 40 24.40 -5.53 11.43
CA VAL C 40 23.34 -5.71 12.42
C VAL C 40 22.43 -6.84 11.94
N THR C 41 22.07 -7.73 12.87
CA THR C 41 21.23 -8.88 12.58
C THR C 41 19.94 -8.78 13.38
N LEU C 42 18.83 -8.89 12.71
CA LEU C 42 17.54 -8.76 13.37
C LEU C 42 17.00 -10.15 13.69
N PRO C 43 16.64 -10.45 14.93
CA PRO C 43 15.97 -11.71 15.20
C PRO C 43 14.67 -11.77 14.42
N ALA C 44 14.19 -12.99 14.18
CA ALA C 44 12.95 -13.16 13.41
C ALA C 44 11.71 -12.66 14.14
N ASN C 45 11.78 -12.26 15.42
CA ASN C 45 10.62 -11.67 16.06
C ASN C 45 10.59 -10.15 15.98
N SER C 46 11.43 -9.56 15.13
CA SER C 46 11.56 -8.10 15.14
C SER C 46 10.38 -7.44 14.46
N GLU C 47 10.01 -6.29 14.97
CA GLU C 47 9.06 -5.40 14.32
C GLU C 47 9.89 -4.32 13.62
N VAL C 48 9.75 -4.19 12.31
CA VAL C 48 10.65 -3.34 11.54
C VAL C 48 9.88 -2.12 11.05
N THR C 49 10.49 -0.95 11.18
CA THR C 49 9.90 0.34 10.79
C THR C 49 10.79 1.05 9.77
N TYR C 50 10.18 1.51 8.67
CA TYR C 50 10.83 2.26 7.61
C TYR C 50 10.38 3.71 7.64
N LEU C 51 11.31 4.66 7.68
CA LEU C 51 10.96 6.06 7.55
C LEU C 51 11.23 6.55 6.13
N SER C 52 10.41 7.48 5.68
CA SER C 52 10.74 8.24 4.49
C SER C 52 12.07 8.98 4.68
N GLY C 53 12.72 9.31 3.57
CA GLY C 53 13.88 10.18 3.66
C GLY C 53 13.49 11.51 4.27
N LEU C 54 14.37 12.05 5.12
CA LEU C 54 14.11 13.29 5.83
C LEU C 54 15.10 14.38 5.40
N LEU C 55 14.57 15.56 5.13
CA LEU C 55 15.27 16.76 4.70
C LEU C 55 15.35 17.79 5.81
N PRO C 56 16.27 18.73 5.72
CA PRO C 56 16.23 19.89 6.62
C PRO C 56 15.07 20.80 6.25
N ASP C 57 14.74 21.71 7.16
CA ASP C 57 13.65 22.63 6.96
C ASP C 57 14.06 23.78 6.04
N PRO C 58 13.15 24.27 5.19
CA PRO C 58 13.45 25.44 4.36
C PRO C 58 13.68 26.69 5.21
N VAL C 59 14.51 27.58 4.68
CA VAL C 59 14.81 28.81 5.40
C VAL C 59 13.58 29.70 5.48
N ASP C 60 12.69 29.64 4.50
CA ASP C 60 11.39 30.31 4.56
C ASP C 60 10.31 29.36 4.06
N PRO C 61 9.64 28.65 4.97
CA PRO C 61 8.59 27.72 4.55
C PRO C 61 7.37 28.39 3.96
N LYS C 62 7.18 29.70 4.14
CA LYS C 62 6.02 30.36 3.52
C LYS C 62 6.35 31.05 2.21
N ALA C 63 7.63 31.09 1.81
CA ALA C 63 7.99 31.66 0.53
C ALA C 63 7.36 30.85 -0.61
N SER C 64 7.43 31.43 -1.80
CA SER C 64 6.83 30.86 -3.00
C SER C 64 7.53 29.56 -3.42
N LYS C 65 6.88 28.85 -4.35
CA LYS C 65 7.32 27.52 -4.78
C LYS C 65 8.75 27.45 -5.31
N GLU C 66 9.25 28.51 -5.95
CA GLU C 66 10.57 28.40 -6.57
C GLU C 66 11.67 28.92 -5.65
N GLN C 67 11.29 29.63 -4.58
CA GLN C 67 12.22 30.21 -3.62
C GLN C 67 12.38 29.34 -2.39
N ILE C 68 11.64 28.23 -2.29
CA ILE C 68 11.80 27.35 -1.15
C ILE C 68 13.20 26.77 -1.23
N HIS C 69 13.95 26.89 -0.13
CA HIS C 69 15.34 26.45 -0.16
C HIS C 69 15.84 26.37 1.27
N ALA C 70 16.88 25.58 1.48
CA ALA C 70 17.49 25.43 2.78
C ALA C 70 18.87 26.10 2.76
N GLU C 71 19.33 26.43 3.95
CA GLU C 71 20.59 27.12 4.10
C GLU C 71 21.32 26.53 5.30
N GLY C 72 22.58 26.90 5.42
CA GLY C 72 23.41 26.36 6.47
C GLY C 72 24.38 25.34 5.90
N ASN C 73 25.41 25.05 6.68
CA ASN C 73 26.38 24.07 6.22
C ASN C 73 25.92 22.67 6.62
N THR C 74 26.74 21.68 6.26
CA THR C 74 26.37 20.28 6.44
C THR C 74 26.17 19.96 7.90
N GLU C 75 27.05 20.49 8.76
CA GLU C 75 26.92 20.22 10.19
C GLU C 75 25.58 20.69 10.72
N ALA C 76 25.19 21.92 10.38
CA ALA C 76 23.92 22.47 10.85
C ALA C 76 22.72 21.71 10.26
N GLN C 77 22.74 21.46 8.95
CA GLN C 77 21.60 20.77 8.34
C GLN C 77 21.48 19.34 8.87
N ALA C 78 22.62 18.67 9.08
CA ALA C 78 22.57 17.32 9.64
C ALA C 78 21.95 17.33 11.03
N ARG C 79 22.24 18.38 11.79
CA ARG C 79 21.66 18.50 13.13
C ARG C 79 20.14 18.62 13.09
N VAL C 80 19.60 19.37 12.11
CA VAL C 80 18.15 19.45 11.96
C VAL C 80 17.58 18.09 11.57
N VAL C 81 18.23 17.42 10.60
CA VAL C 81 17.68 16.18 10.07
C VAL C 81 17.77 15.06 11.10
N LEU C 82 18.90 14.94 11.78
CA LEU C 82 18.99 13.89 12.79
C LEU C 82 17.97 14.11 13.92
N ARG C 83 17.68 15.37 14.25
CA ARG C 83 16.63 15.64 15.24
C ARG C 83 15.26 15.18 14.73
N LYS C 84 14.94 15.43 13.46
CA LYS C 84 13.69 14.93 12.91
C LYS C 84 13.61 13.40 13.00
N VAL C 85 14.73 12.72 12.72
CA VAL C 85 14.75 11.25 12.84
C VAL C 85 14.51 10.86 14.28
N GLU C 86 15.23 11.49 15.21
CA GLU C 86 15.04 11.25 16.63
C GLU C 86 13.58 11.45 17.03
N THR C 87 13.00 12.60 16.66
CA THR C 87 11.64 12.94 17.06
C THR C 87 10.61 11.98 16.45
N ILE C 88 10.71 11.73 15.14
CA ILE C 88 9.78 10.80 14.50
C ILE C 88 9.88 9.42 15.14
N LEU C 89 11.11 8.96 15.43
CA LEU C 89 11.23 7.67 16.08
C LEU C 89 10.59 7.68 17.46
N ALA C 90 10.80 8.75 18.24
CA ALA C 90 10.20 8.85 19.58
C ALA C 90 8.69 8.79 19.53
N SER C 91 8.08 9.46 18.54
CA SER C 91 6.63 9.44 18.43
C SER C 91 6.12 8.05 18.13
N GLN C 92 6.98 7.08 17.85
CA GLN C 92 6.56 5.72 17.62
C GLN C 92 7.04 4.79 18.74
N GLY C 93 7.49 5.34 19.86
CA GLY C 93 8.01 4.55 20.94
C GLY C 93 9.42 4.01 20.74
N LEU C 94 10.16 4.52 19.76
CA LEU C 94 11.50 4.04 19.45
C LEU C 94 12.56 5.10 19.77
N THR C 95 13.77 4.64 20.05
CA THR C 95 14.92 5.52 20.28
C THR C 95 15.97 5.28 19.20
N LEU C 96 17.02 6.11 19.22
CA LEU C 96 18.14 5.96 18.30
C LEU C 96 18.88 4.64 18.46
N GLY C 97 18.78 4.00 19.62
CA GLY C 97 19.34 2.68 19.80
C GLY C 97 18.64 1.61 19.01
N ASP C 98 17.38 1.84 18.65
CA ASP C 98 16.61 0.89 17.85
C ASP C 98 16.94 0.94 16.36
N VAL C 99 17.78 1.88 15.93
CA VAL C 99 18.09 2.04 14.51
C VAL C 99 19.01 0.91 14.06
N VAL C 100 18.65 0.28 12.94
CA VAL C 100 19.45 -0.80 12.36
C VAL C 100 20.18 -0.35 11.10
N GLN C 101 19.61 0.59 10.34
CA GLN C 101 20.28 1.01 9.13
C GLN C 101 20.02 2.49 8.90
N LEU C 102 21.10 3.24 8.67
CA LEU C 102 21.07 4.65 8.37
C LEU C 102 21.70 4.84 7.00
N ARG C 103 20.93 5.35 6.05
CA ARG C 103 21.46 5.73 4.75
C ARG C 103 21.47 7.25 4.67
N ILE C 104 22.64 7.83 4.39
CA ILE C 104 22.81 9.28 4.40
C ILE C 104 23.24 9.74 3.01
N TYR C 105 22.48 10.65 2.43
CA TYR C 105 22.78 11.24 1.13
C TYR C 105 23.24 12.67 1.33
N LEU C 106 24.48 12.96 0.94
CA LEU C 106 25.07 14.28 1.05
C LEU C 106 25.17 14.94 -0.31
N VAL C 107 25.04 16.27 -0.31
CA VAL C 107 25.32 17.09 -1.48
C VAL C 107 26.53 17.97 -1.21
N GLY C 108 27.34 18.22 -2.25
CA GLY C 108 28.45 19.14 -2.09
C GLY C 108 27.96 20.52 -1.68
N ASP C 109 28.74 21.20 -0.85
CA ASP C 109 28.28 22.49 -0.30
C ASP C 109 28.56 23.60 -1.31
N PRO C 110 27.53 24.29 -1.80
CA PRO C 110 27.77 25.44 -2.70
C PRO C 110 28.64 26.49 -2.06
N ALA C 111 28.43 26.77 -0.78
CA ALA C 111 29.25 27.74 -0.05
C ALA C 111 30.73 27.37 -0.08
N LEU C 112 31.06 26.10 -0.26
CA LEU C 112 32.43 25.65 -0.45
C LEU C 112 32.70 25.22 -1.89
N GLY C 113 31.98 25.79 -2.85
CA GLY C 113 32.20 25.45 -4.24
C GLY C 113 31.80 24.05 -4.65
N GLY C 114 30.84 23.44 -3.96
CA GLY C 114 30.47 22.08 -4.31
C GLY C 114 31.29 21.00 -3.66
N LYS C 115 32.12 21.34 -2.67
CA LYS C 115 32.94 20.34 -2.02
C LYS C 115 32.09 19.57 -1.01
N LEU C 116 32.41 18.27 -0.86
CA LEU C 116 31.73 17.42 0.10
C LEU C 116 32.25 17.74 1.50
N ASP C 117 31.33 18.02 2.42
CA ASP C 117 31.67 18.33 3.81
C ASP C 117 31.32 17.13 4.70
N PHE C 118 32.12 16.07 4.54
CA PHE C 118 31.92 14.87 5.35
C PHE C 118 32.27 15.13 6.81
N ASP C 119 33.24 16.01 7.07
CA ASP C 119 33.63 16.27 8.44
C ASP C 119 32.49 16.94 9.21
N GLY C 120 31.83 17.91 8.58
CA GLY C 120 30.67 18.53 9.21
C GLY C 120 29.62 17.50 9.56
N LEU C 121 29.30 16.61 8.62
CA LEU C 121 28.36 15.54 8.89
C LEU C 121 28.79 14.73 10.10
N GLN C 122 30.07 14.41 10.19
CA GLN C 122 30.53 13.60 11.31
C GLN C 122 30.47 14.38 12.63
N VAL C 123 30.68 15.70 12.60
CA VAL C 123 30.51 16.47 13.83
C VAL C 123 29.09 16.28 14.37
N ALA C 124 28.07 16.53 13.54
CA ALA C 124 26.69 16.35 13.96
C ALA C 124 26.39 14.89 14.25
N PHE C 125 26.84 14.00 13.38
CA PHE C 125 26.53 12.58 13.55
C PHE C 125 26.99 12.06 14.90
N ARG C 126 28.14 12.54 15.39
CA ARG C 126 28.64 11.99 16.65
C ARG C 126 27.82 12.46 17.84
N GLU C 127 27.20 13.63 17.75
CA GLU C 127 26.31 14.10 18.80
C GLU C 127 25.13 13.15 19.01
N PHE C 128 24.80 12.31 18.02
CA PHE C 128 23.62 11.46 18.08
C PHE C 128 23.94 9.97 18.20
N PHE C 129 25.09 9.52 17.68
CA PHE C 129 25.43 8.09 17.63
C PHE C 129 26.81 7.83 18.23
N GLY C 130 27.00 6.57 18.64
CA GLY C 130 28.25 6.18 19.25
C GLY C 130 28.49 6.85 20.57
N THR C 131 27.43 7.43 21.15
CA THR C 131 27.49 8.12 22.43
C THR C 131 27.57 7.15 23.60
N GLN C 132 27.26 7.64 24.79
CA GLN C 132 27.39 6.85 26.01
C GLN C 132 26.05 6.34 26.51
N LYS C 133 25.01 7.18 26.47
CA LYS C 133 23.64 6.73 26.73
C LYS C 133 23.28 5.53 25.86
N GLN C 134 23.63 5.60 24.57
CA GLN C 134 23.45 4.50 23.63
C GLN C 134 24.74 4.30 22.85
N PRO C 135 25.57 3.32 23.23
CA PRO C 135 26.88 3.18 22.59
C PRO C 135 26.88 2.54 21.20
N LEU C 136 25.85 1.78 20.82
CA LEU C 136 25.87 0.95 19.61
C LEU C 136 25.92 1.78 18.31
N LYS C 137 26.34 1.11 17.25
CA LYS C 137 26.50 1.70 15.93
C LYS C 137 25.61 0.95 14.94
N PRO C 138 24.76 1.63 14.17
CA PRO C 138 23.95 0.95 13.18
C PRO C 138 24.69 0.74 11.87
N ALA C 139 24.15 -0.16 11.05
CA ALA C 139 24.62 -0.26 9.67
C ALA C 139 24.37 1.07 8.98
N ARG C 140 25.38 1.56 8.28
CA ARG C 140 25.20 2.86 7.66
C ARG C 140 25.96 2.93 6.34
N THR C 141 25.49 3.86 5.51
CA THR C 141 25.98 4.13 4.17
C THR C 141 25.87 5.64 3.97
N THR C 142 26.95 6.25 3.51
CA THR C 142 26.98 7.66 3.17
C THR C 142 27.50 7.85 1.76
N VAL C 143 26.67 8.42 0.88
CA VAL C 143 27.08 8.60 -0.51
C VAL C 143 26.78 10.03 -0.92
N GLN C 144 27.51 10.52 -1.91
CA GLN C 144 27.26 11.86 -2.41
C GLN C 144 26.34 11.74 -3.62
N VAL C 145 25.14 12.29 -3.49
CA VAL C 145 24.20 12.34 -4.58
C VAL C 145 24.33 13.70 -5.27
N ALA C 146 23.65 13.86 -6.39
CA ALA C 146 23.74 15.10 -7.14
C ALA C 146 22.86 16.20 -6.56
N GLY C 147 21.74 15.84 -5.94
CA GLY C 147 20.83 16.86 -5.46
C GLY C 147 19.70 16.23 -4.67
N LEU C 148 18.96 17.10 -3.99
CA LEU C 148 17.78 16.70 -3.26
C LEU C 148 16.61 17.55 -3.75
N VAL C 149 15.39 17.15 -3.39
CA VAL C 149 14.23 17.86 -3.89
C VAL C 149 14.14 19.24 -3.27
N LEU C 150 14.87 19.50 -2.19
CA LEU C 150 14.85 20.83 -1.61
C LEU C 150 16.15 21.52 -2.03
N PRO C 151 16.09 22.57 -2.85
CA PRO C 151 17.32 23.28 -3.22
C PRO C 151 18.04 23.79 -1.98
N GLY C 152 19.35 23.76 -2.04
CA GLY C 152 20.15 24.11 -0.89
C GLY C 152 20.28 23.03 0.18
N ALA C 153 19.45 22.00 0.16
CA ALA C 153 19.60 20.93 1.15
C ALA C 153 20.87 20.15 0.84
N LEU C 154 21.66 19.89 1.87
CA LEU C 154 22.93 19.21 1.72
C LEU C 154 22.90 17.79 2.28
N ILE C 155 21.81 17.37 2.91
CA ILE C 155 21.76 16.05 3.53
C ILE C 155 20.33 15.56 3.56
N GLU C 156 20.17 14.29 3.23
CA GLU C 156 18.96 13.54 3.48
C GLU C 156 19.33 12.26 4.20
N VAL C 157 18.54 11.88 5.19
CA VAL C 157 18.81 10.68 5.98
C VAL C 157 17.63 9.74 5.86
N GLU C 158 17.92 8.48 5.59
CA GLU C 158 16.93 7.43 5.49
C GLU C 158 17.20 6.40 6.59
N THR C 159 16.14 5.94 7.26
CA THR C 159 16.26 5.19 8.50
C THR C 159 15.48 3.89 8.45
N VAL C 160 16.07 2.83 9.00
CA VAL C 160 15.35 1.59 9.29
C VAL C 160 15.59 1.29 10.76
N ALA C 161 14.51 1.02 11.49
CA ALA C 161 14.57 0.73 12.92
C ALA C 161 13.80 -0.54 13.22
N ALA C 162 14.13 -1.17 14.35
CA ALA C 162 13.44 -2.38 14.76
C ALA C 162 13.55 -2.54 16.27
N ARG C 163 12.43 -2.91 16.90
CA ARG C 163 12.41 -3.31 18.30
C ARG C 163 12.05 -4.79 18.40
N ALA C 164 12.85 -5.55 19.14
CA ALA C 164 12.57 -6.98 19.42
C ALA C 164 11.09 -7.26 19.73
N SER D 39 -11.50 7.76 -27.47
CA SER D 39 -10.37 6.89 -27.72
C SER D 39 -9.67 6.54 -26.41
N VAL D 40 -9.08 5.35 -26.38
CA VAL D 40 -8.25 4.94 -25.27
C VAL D 40 -6.96 4.40 -25.86
N THR D 41 -5.83 4.83 -25.31
CA THR D 41 -4.52 4.42 -25.79
C THR D 41 -3.79 3.70 -24.66
N LEU D 42 -3.24 2.55 -24.99
CA LEU D 42 -2.51 1.67 -24.08
C LEU D 42 -1.02 1.89 -24.25
N PRO D 43 -0.27 2.10 -23.17
CA PRO D 43 1.18 2.23 -23.29
C PRO D 43 1.81 1.01 -23.94
N ALA D 44 3.00 1.20 -24.47
CA ALA D 44 3.72 0.07 -25.03
C ALA D 44 4.05 -0.92 -23.94
N ASN D 45 4.23 -2.18 -24.34
CA ASN D 45 4.66 -3.22 -23.40
C ASN D 45 3.73 -3.30 -22.20
N SER D 46 2.43 -3.11 -22.45
CA SER D 46 1.39 -3.22 -21.43
C SER D 46 0.97 -4.68 -21.25
N GLU D 47 0.53 -5.00 -20.04
CA GLU D 47 -0.13 -6.28 -19.78
C GLU D 47 -1.63 -6.11 -20.01
N VAL D 48 -2.18 -6.93 -20.91
CA VAL D 48 -3.56 -6.83 -21.40
C VAL D 48 -4.30 -8.10 -21.00
N THR D 49 -5.57 -7.95 -20.58
CA THR D 49 -6.42 -9.08 -20.24
C THR D 49 -7.67 -9.13 -21.10
N TYR D 50 -7.95 -10.30 -21.67
CA TYR D 50 -9.12 -10.57 -22.49
C TYR D 50 -10.06 -11.49 -21.74
N LEU D 51 -11.34 -11.10 -21.62
CA LEU D 51 -12.38 -11.96 -21.06
C LEU D 51 -13.23 -12.55 -22.17
N SER D 52 -13.72 -13.77 -21.96
CA SER D 52 -14.81 -14.28 -22.78
C SER D 52 -16.05 -13.40 -22.66
N GLY D 53 -16.89 -13.44 -23.70
CA GLY D 53 -18.18 -12.77 -23.61
C GLY D 53 -18.99 -13.33 -22.46
N LEU D 54 -19.68 -12.46 -21.74
CA LEU D 54 -20.40 -12.83 -20.54
C LEU D 54 -21.89 -12.60 -20.74
N LEU D 55 -22.69 -13.58 -20.32
CA LEU D 55 -24.15 -13.62 -20.37
C LEU D 55 -24.75 -13.52 -18.97
N PRO D 56 -26.03 -13.16 -18.85
CA PRO D 56 -26.71 -13.26 -17.55
C PRO D 56 -26.93 -14.72 -17.17
N ASP D 57 -27.23 -14.94 -15.89
CA ASP D 57 -27.39 -16.30 -15.40
C ASP D 57 -28.70 -16.90 -15.90
N PRO D 58 -28.73 -18.21 -16.18
CA PRO D 58 -30.01 -18.86 -16.52
C PRO D 58 -30.97 -18.79 -15.34
N VAL D 59 -32.26 -18.80 -15.67
CA VAL D 59 -33.26 -18.70 -14.61
C VAL D 59 -33.25 -19.96 -13.74
N ASP D 60 -32.95 -21.11 -14.32
CA ASP D 60 -32.74 -22.34 -13.55
C ASP D 60 -31.54 -23.06 -14.15
N PRO D 61 -30.34 -22.89 -13.58
CA PRO D 61 -29.15 -23.53 -14.15
C PRO D 61 -29.18 -25.04 -14.12
N LYS D 62 -30.04 -25.64 -13.32
CA LYS D 62 -30.22 -27.08 -13.29
C LYS D 62 -31.39 -27.55 -14.14
N ALA D 63 -32.15 -26.63 -14.71
CA ALA D 63 -33.18 -27.03 -15.66
C ALA D 63 -32.52 -27.78 -16.81
N SER D 64 -33.35 -28.44 -17.61
CA SER D 64 -32.79 -29.24 -18.68
C SER D 64 -32.10 -28.34 -19.70
N LYS D 65 -31.32 -28.96 -20.59
CA LYS D 65 -30.57 -28.20 -21.58
C LYS D 65 -31.49 -27.32 -22.41
N GLU D 66 -32.75 -27.72 -22.57
CA GLU D 66 -33.73 -27.02 -23.39
C GLU D 66 -34.60 -26.06 -22.60
N GLN D 67 -34.68 -26.20 -21.28
CA GLN D 67 -35.42 -25.24 -20.48
C GLN D 67 -34.50 -24.17 -19.92
N ILE D 68 -33.20 -24.27 -20.19
CA ILE D 68 -32.27 -23.23 -19.79
C ILE D 68 -32.56 -21.96 -20.59
N HIS D 69 -32.73 -20.86 -19.88
CA HIS D 69 -33.13 -19.59 -20.44
C HIS D 69 -32.94 -18.53 -19.36
N ALA D 70 -32.78 -17.28 -19.79
CA ALA D 70 -32.64 -16.14 -18.89
C ALA D 70 -33.90 -15.27 -18.95
N GLU D 71 -34.02 -14.43 -17.92
CA GLU D 71 -35.17 -13.55 -17.79
C GLU D 71 -34.79 -12.19 -17.21
N GLY D 72 -35.75 -11.29 -17.28
CA GLY D 72 -35.56 -9.93 -16.83
C GLY D 72 -35.41 -9.00 -18.02
N ASN D 73 -35.54 -7.72 -17.75
CA ASN D 73 -35.34 -6.77 -18.81
C ASN D 73 -33.85 -6.48 -18.97
N THR D 74 -33.54 -5.62 -19.94
CA THR D 74 -32.16 -5.37 -20.32
C THR D 74 -31.37 -4.76 -19.18
N GLU D 75 -31.97 -3.80 -18.48
CA GLU D 75 -31.31 -3.15 -17.37
C GLU D 75 -30.95 -4.15 -16.27
N ALA D 76 -31.90 -5.01 -15.92
CA ALA D 76 -31.64 -6.01 -14.90
C ALA D 76 -30.52 -6.95 -15.33
N GLN D 77 -30.61 -7.48 -16.55
CA GLN D 77 -29.58 -8.39 -17.06
C GLN D 77 -28.23 -7.69 -17.18
N ALA D 78 -28.24 -6.42 -17.59
CA ALA D 78 -26.98 -5.69 -17.71
C ALA D 78 -26.29 -5.53 -16.36
N ARG D 79 -27.06 -5.30 -15.29
CA ARG D 79 -26.47 -5.24 -13.96
C ARG D 79 -25.85 -6.56 -13.56
N VAL D 80 -26.49 -7.67 -13.90
CA VAL D 80 -25.89 -8.96 -13.62
C VAL D 80 -24.61 -9.14 -14.41
N VAL D 81 -24.64 -8.76 -15.69
CA VAL D 81 -23.50 -9.02 -16.57
C VAL D 81 -22.33 -8.11 -16.18
N LEU D 82 -22.60 -6.82 -15.97
CA LEU D 82 -21.51 -5.93 -15.57
C LEU D 82 -20.96 -6.35 -14.21
N ARG D 83 -21.80 -6.92 -13.35
CA ARG D 83 -21.28 -7.47 -12.11
C ARG D 83 -20.33 -8.63 -12.37
N LYS D 84 -20.67 -9.52 -13.31
CA LYS D 84 -19.73 -10.59 -13.69
C LYS D 84 -18.41 -10.02 -14.19
N VAL D 85 -18.45 -8.92 -14.95
CA VAL D 85 -17.19 -8.29 -15.39
C VAL D 85 -16.42 -7.74 -14.19
N GLU D 86 -17.09 -6.99 -13.32
CA GLU D 86 -16.46 -6.47 -12.10
C GLU D 86 -15.82 -7.58 -11.28
N THR D 87 -16.58 -8.65 -11.03
CA THR D 87 -16.10 -9.71 -10.17
C THR D 87 -14.88 -10.43 -10.78
N ILE D 88 -14.98 -10.83 -12.05
CA ILE D 88 -13.87 -11.52 -12.72
C ILE D 88 -12.61 -10.66 -12.74
N LEU D 89 -12.76 -9.37 -13.07
CA LEU D 89 -11.61 -8.47 -13.04
C LEU D 89 -11.04 -8.37 -11.64
N ALA D 90 -11.92 -8.26 -10.63
CA ALA D 90 -11.47 -8.17 -9.24
C ALA D 90 -10.60 -9.35 -8.88
N SER D 91 -10.95 -10.55 -9.36
CA SER D 91 -10.15 -11.72 -9.04
C SER D 91 -8.76 -11.69 -9.67
N GLN D 92 -8.52 -10.79 -10.61
CA GLN D 92 -7.22 -10.62 -11.25
C GLN D 92 -6.50 -9.37 -10.77
N GLY D 93 -6.98 -8.76 -9.68
CA GLY D 93 -6.43 -7.52 -9.18
C GLY D 93 -6.79 -6.29 -9.99
N LEU D 94 -7.75 -6.41 -10.91
CA LEU D 94 -8.10 -5.33 -11.81
C LEU D 94 -9.46 -4.75 -11.40
N THR D 95 -9.68 -3.50 -11.77
CA THR D 95 -10.93 -2.78 -11.56
C THR D 95 -11.54 -2.34 -12.89
N LEU D 96 -12.77 -1.83 -12.79
CA LEU D 96 -13.50 -1.32 -13.94
C LEU D 96 -12.82 -0.11 -14.59
N GLY D 97 -11.99 0.63 -13.85
CA GLY D 97 -11.21 1.69 -14.49
C GLY D 97 -10.15 1.19 -15.44
N ASP D 98 -9.72 -0.07 -15.29
CA ASP D 98 -8.76 -0.69 -16.19
C ASP D 98 -9.38 -1.15 -17.50
N VAL D 99 -10.70 -1.10 -17.64
CA VAL D 99 -11.32 -1.60 -18.86
C VAL D 99 -11.00 -0.65 -20.00
N VAL D 100 -10.51 -1.21 -21.10
CA VAL D 100 -10.11 -0.42 -22.25
C VAL D 100 -11.09 -0.50 -23.42
N GLN D 101 -11.77 -1.62 -23.60
CA GLN D 101 -12.70 -1.79 -24.71
C GLN D 101 -13.86 -2.63 -24.19
N LEU D 102 -15.07 -2.14 -24.41
CA LEU D 102 -16.29 -2.85 -24.05
C LEU D 102 -17.09 -3.06 -25.32
N ARG D 103 -17.33 -4.32 -25.68
CA ARG D 103 -18.24 -4.67 -26.77
C ARG D 103 -19.53 -5.18 -26.12
N ILE D 104 -20.64 -4.54 -26.44
CA ILE D 104 -21.93 -4.90 -25.87
C ILE D 104 -22.85 -5.34 -26.99
N TYR D 105 -23.34 -6.56 -26.89
CA TYR D 105 -24.27 -7.15 -27.84
C TYR D 105 -25.65 -7.22 -27.19
N LEU D 106 -26.60 -6.49 -27.73
CA LEU D 106 -27.96 -6.48 -27.21
C LEU D 106 -28.87 -7.25 -28.16
N VAL D 107 -29.88 -7.88 -27.58
CA VAL D 107 -30.97 -8.51 -28.33
C VAL D 107 -32.25 -7.75 -28.08
N GLY D 108 -33.10 -7.66 -29.11
CA GLY D 108 -34.40 -7.03 -28.94
C GLY D 108 -35.22 -7.75 -27.87
N ASP D 109 -36.00 -6.98 -27.11
CA ASP D 109 -36.71 -7.50 -25.93
C ASP D 109 -38.06 -8.09 -26.33
N PRO D 110 -38.26 -9.41 -26.16
CA PRO D 110 -39.59 -9.99 -26.42
C PRO D 110 -40.71 -9.34 -25.63
N ALA D 111 -40.47 -8.96 -24.36
CA ALA D 111 -41.53 -8.29 -23.61
C ALA D 111 -42.02 -7.03 -24.33
N LEU D 112 -41.17 -6.42 -25.16
CA LEU D 112 -41.53 -5.26 -25.99
C LEU D 112 -41.65 -5.67 -27.45
N GLY D 113 -42.01 -6.91 -27.70
CA GLY D 113 -42.14 -7.36 -29.07
C GLY D 113 -40.86 -7.42 -29.89
N GLY D 114 -39.70 -7.56 -29.25
CA GLY D 114 -38.44 -7.57 -29.97
C GLY D 114 -37.77 -6.23 -30.24
N LYS D 115 -38.23 -5.16 -29.61
CA LYS D 115 -37.63 -3.84 -29.82
C LYS D 115 -36.41 -3.68 -28.93
N LEU D 116 -35.45 -2.90 -29.41
CA LEU D 116 -34.22 -2.71 -28.65
C LEU D 116 -34.45 -1.75 -27.49
N ASP D 117 -33.97 -2.14 -26.30
CA ASP D 117 -34.05 -1.32 -25.09
C ASP D 117 -32.65 -0.79 -24.75
N PHE D 118 -32.19 0.18 -25.53
CA PHE D 118 -30.89 0.78 -25.26
C PHE D 118 -30.89 1.57 -23.95
N ASP D 119 -32.02 2.19 -23.58
CA ASP D 119 -32.06 2.96 -22.32
C ASP D 119 -31.85 2.06 -21.10
N GLY D 120 -32.42 0.85 -21.13
CA GLY D 120 -32.13 -0.08 -20.04
C GLY D 120 -30.63 -0.28 -19.88
N LEU D 121 -29.93 -0.52 -20.99
CA LEU D 121 -28.47 -0.63 -20.93
C LEU D 121 -27.86 0.64 -20.37
N GLN D 122 -28.42 1.79 -20.77
CA GLN D 122 -27.87 3.09 -20.40
C GLN D 122 -27.94 3.31 -18.89
N VAL D 123 -29.07 2.92 -18.29
CA VAL D 123 -29.24 3.03 -16.85
C VAL D 123 -28.22 2.16 -16.11
N ALA D 124 -28.13 0.88 -16.48
CA ALA D 124 -27.18 -0.01 -15.83
C ALA D 124 -25.75 0.46 -16.04
N PHE D 125 -25.42 0.85 -17.27
CA PHE D 125 -24.05 1.25 -17.60
C PHE D 125 -23.56 2.42 -16.74
N ARG D 126 -24.42 3.40 -16.46
CA ARG D 126 -23.93 4.56 -15.72
C ARG D 126 -23.70 4.23 -14.24
N GLU D 127 -24.37 3.21 -13.70
CA GLU D 127 -24.05 2.76 -12.35
C GLU D 127 -22.62 2.22 -12.26
N PHE D 128 -22.02 1.85 -13.39
CA PHE D 128 -20.70 1.23 -13.39
C PHE D 128 -19.60 2.10 -13.98
N PHE D 129 -19.91 2.95 -14.96
CA PHE D 129 -18.89 3.71 -15.66
C PHE D 129 -19.25 5.19 -15.68
N GLY D 130 -18.22 6.02 -15.76
CA GLY D 130 -18.42 7.45 -15.75
C GLY D 130 -18.90 8.04 -14.44
N THR D 131 -18.83 7.28 -13.34
CA THR D 131 -19.13 7.81 -12.02
C THR D 131 -17.89 8.59 -11.57
N GLN D 132 -17.78 8.93 -10.29
CA GLN D 132 -16.55 9.59 -9.85
C GLN D 132 -15.61 8.68 -9.08
N LYS D 133 -16.12 7.73 -8.27
CA LYS D 133 -15.23 6.70 -7.75
C LYS D 133 -14.47 6.03 -8.90
N GLN D 134 -15.17 5.80 -10.00
CA GLN D 134 -14.60 5.24 -11.22
C GLN D 134 -14.95 6.25 -12.32
N PRO D 135 -14.04 7.23 -12.59
CA PRO D 135 -14.35 8.28 -13.56
C PRO D 135 -14.11 7.84 -15.00
N LEU D 136 -13.19 6.90 -15.18
CA LEU D 136 -12.73 6.55 -16.51
C LEU D 136 -13.82 5.84 -17.31
N LYS D 137 -13.73 5.98 -18.63
CA LYS D 137 -14.63 5.40 -19.61
C LYS D 137 -13.86 4.53 -20.60
N PRO D 138 -14.33 3.35 -20.93
CA PRO D 138 -13.65 2.57 -21.96
C PRO D 138 -14.14 2.98 -23.33
N ALA D 139 -13.36 2.61 -24.34
CA ALA D 139 -13.88 2.58 -25.70
C ALA D 139 -14.99 1.54 -25.73
N ARG D 140 -16.12 1.88 -26.36
CA ARG D 140 -17.23 0.93 -26.35
C ARG D 140 -17.95 0.92 -27.67
N THR D 141 -18.69 -0.16 -27.87
CA THR D 141 -19.51 -0.43 -29.03
C THR D 141 -20.73 -1.18 -28.53
N THR D 142 -21.92 -0.70 -28.89
CA THR D 142 -23.15 -1.41 -28.62
C THR D 142 -23.92 -1.62 -29.91
N VAL D 143 -24.17 -2.88 -30.27
CA VAL D 143 -24.91 -3.24 -31.47
C VAL D 143 -25.98 -4.25 -31.08
N GLN D 144 -26.99 -4.35 -31.94
CA GLN D 144 -28.07 -5.32 -31.76
C GLN D 144 -27.77 -6.54 -32.62
N VAL D 145 -27.59 -7.69 -31.97
CA VAL D 145 -27.36 -8.93 -32.65
C VAL D 145 -28.69 -9.65 -32.80
N ALA D 146 -28.69 -10.76 -33.52
CA ALA D 146 -29.93 -11.49 -33.70
C ALA D 146 -30.29 -12.35 -32.49
N GLY D 147 -29.28 -12.87 -31.78
CA GLY D 147 -29.53 -13.76 -30.65
C GLY D 147 -28.24 -14.03 -29.93
N LEU D 148 -28.37 -14.65 -28.76
CA LEU D 148 -27.25 -15.15 -27.96
C LEU D 148 -27.45 -16.65 -27.69
N VAL D 149 -26.41 -17.31 -27.19
CA VAL D 149 -26.51 -18.76 -27.03
C VAL D 149 -27.46 -19.12 -25.91
N LEU D 150 -27.81 -18.18 -25.05
CA LEU D 150 -28.76 -18.46 -23.98
C LEU D 150 -30.09 -17.85 -24.38
N PRO D 151 -31.13 -18.66 -24.61
CA PRO D 151 -32.45 -18.08 -24.94
C PRO D 151 -32.91 -17.16 -23.84
N GLY D 152 -33.57 -16.06 -24.24
CA GLY D 152 -33.97 -15.05 -23.29
C GLY D 152 -32.89 -14.07 -22.87
N ALA D 153 -31.61 -14.34 -23.18
CA ALA D 153 -30.55 -13.38 -22.86
C ALA D 153 -30.66 -12.18 -23.79
N LEU D 154 -30.58 -10.98 -23.23
CA LEU D 154 -30.72 -9.75 -23.99
C LEU D 154 -29.44 -8.95 -24.10
N ILE D 155 -28.37 -9.39 -23.44
CA ILE D 155 -27.11 -8.65 -23.41
C ILE D 155 -25.97 -9.63 -23.21
N GLU D 156 -24.90 -9.44 -23.98
CA GLU D 156 -23.62 -10.08 -23.74
C GLU D 156 -22.56 -9.00 -23.78
N VAL D 157 -21.60 -9.06 -22.86
CA VAL D 157 -20.56 -8.04 -22.78
C VAL D 157 -19.20 -8.69 -22.92
N GLU D 158 -18.38 -8.13 -23.81
CA GLU D 158 -17.03 -8.61 -24.12
C GLU D 158 -16.04 -7.55 -23.68
N THR D 159 -15.00 -7.96 -22.95
CA THR D 159 -14.16 -7.00 -22.25
C THR D 159 -12.68 -7.19 -22.57
N VAL D 160 -12.00 -6.08 -22.74
CA VAL D 160 -10.55 -6.03 -22.79
C VAL D 160 -10.09 -5.06 -21.72
N ALA D 161 -9.16 -5.49 -20.88
CA ALA D 161 -8.67 -4.66 -19.78
C ALA D 161 -7.14 -4.65 -19.77
N ALA D 162 -6.59 -3.64 -19.10
CA ALA D 162 -5.15 -3.50 -19.01
C ALA D 162 -4.82 -2.93 -17.64
N ARG D 163 -3.89 -3.58 -16.96
CA ARG D 163 -3.47 -3.17 -15.63
C ARG D 163 -2.97 -1.74 -15.62
N ALA D 164 -3.56 -0.93 -14.74
CA ALA D 164 -3.21 0.49 -14.57
C ALA D 164 -3.44 1.24 -15.88
N SER E 39 -29.92 -21.02 10.36
CA SER E 39 -28.58 -21.15 10.89
C SER E 39 -27.59 -21.57 9.81
N VAL E 40 -26.35 -21.13 9.95
CA VAL E 40 -25.28 -21.59 9.08
C VAL E 40 -24.16 -22.09 9.97
N THR E 41 -23.66 -23.28 9.68
CA THR E 41 -22.63 -23.96 10.46
C THR E 41 -21.40 -24.13 9.59
N LEU E 42 -20.25 -23.78 10.14
CA LEU E 42 -18.95 -23.85 9.51
C LEU E 42 -18.23 -25.10 9.95
N PRO E 43 -17.77 -25.95 9.04
CA PRO E 43 -16.94 -27.08 9.46
C PRO E 43 -15.67 -26.60 10.15
N ALA E 44 -15.10 -27.50 10.95
CA ALA E 44 -13.93 -27.16 11.73
C ALA E 44 -12.70 -26.83 10.88
N ASN E 45 -12.66 -27.29 9.65
CA ASN E 45 -11.56 -26.96 8.74
C ASN E 45 -11.79 -25.67 7.94
N SER E 46 -12.73 -24.82 8.34
CA SER E 46 -13.00 -23.62 7.57
C SER E 46 -11.94 -22.57 7.85
N GLU E 47 -11.60 -21.82 6.82
CA GLU E 47 -10.82 -20.59 6.91
C GLU E 47 -11.80 -19.42 6.91
N VAL E 48 -11.72 -18.56 7.93
CA VAL E 48 -12.76 -17.54 8.13
C VAL E 48 -12.19 -16.16 7.85
N THR E 49 -12.93 -15.36 7.06
CA THR E 49 -12.53 -14.01 6.68
C THR E 49 -13.53 -12.98 7.21
N TYR E 50 -13.01 -11.96 7.89
CA TYR E 50 -13.80 -10.86 8.41
C TYR E 50 -13.52 -9.60 7.60
N LEU E 51 -14.58 -8.96 7.09
CA LEU E 51 -14.42 -7.66 6.45
C LEU E 51 -14.76 -6.54 7.41
N SER E 52 -14.06 -5.43 7.26
CA SER E 52 -14.51 -4.17 7.83
C SER E 52 -15.89 -3.82 7.27
N GLY E 53 -16.65 -3.02 8.02
CA GLY E 53 -17.91 -2.52 7.48
C GLY E 53 -17.66 -1.72 6.21
N LEU E 54 -18.54 -1.89 5.24
CA LEU E 54 -18.40 -1.27 3.93
C LEU E 54 -19.49 -0.24 3.72
N LEU E 55 -19.09 0.94 3.27
CA LEU E 55 -19.96 2.05 2.96
C LEU E 55 -20.02 2.23 1.46
N PRO E 56 -21.04 2.95 0.97
CA PRO E 56 -21.05 3.31 -0.46
C PRO E 56 -19.90 4.27 -0.79
N ASP E 57 -19.66 4.42 -2.08
CA ASP E 57 -18.57 5.31 -2.43
C ASP E 57 -19.00 6.76 -2.24
N PRO E 58 -18.13 7.63 -1.74
CA PRO E 58 -18.43 9.06 -1.80
C PRO E 58 -18.44 9.53 -3.25
N VAL E 59 -19.37 10.44 -3.54
CA VAL E 59 -19.52 10.92 -4.92
C VAL E 59 -18.35 11.79 -5.35
N ASP E 60 -17.74 12.51 -4.42
CA ASP E 60 -16.57 13.32 -4.73
C ASP E 60 -15.54 12.98 -3.67
N PRO E 61 -14.82 11.87 -3.85
CA PRO E 61 -13.78 11.47 -2.88
C PRO E 61 -12.59 12.39 -2.86
N LYS E 62 -12.52 13.32 -3.82
CA LYS E 62 -11.46 14.30 -3.97
C LYS E 62 -11.79 15.60 -3.26
N ALA E 63 -13.03 15.75 -2.80
CA ALA E 63 -13.48 16.88 -2.02
C ALA E 63 -12.79 16.94 -0.65
N SER E 64 -12.99 18.08 0.01
CA SER E 64 -12.43 18.37 1.34
C SER E 64 -13.11 17.49 2.40
N LYS E 65 -12.54 17.52 3.60
CA LYS E 65 -13.01 16.69 4.72
C LYS E 65 -14.51 16.91 5.02
N GLU E 66 -15.03 18.10 4.72
CA GLU E 66 -16.40 18.46 5.05
C GLU E 66 -17.38 18.22 3.91
N GLN E 67 -16.90 17.99 2.70
CA GLN E 67 -17.71 17.70 1.53
C GLN E 67 -17.75 16.22 1.16
N ILE E 68 -17.05 15.35 1.89
CA ILE E 68 -17.12 13.91 1.61
C ILE E 68 -18.50 13.40 2.00
N HIS E 69 -19.18 12.72 1.07
CA HIS E 69 -20.56 12.32 1.33
C HIS E 69 -21.02 11.31 0.28
N ALA E 70 -22.06 10.55 0.62
CA ALA E 70 -22.67 9.58 -0.27
C ALA E 70 -24.02 10.09 -0.76
N GLU E 71 -24.48 9.51 -1.87
CA GLU E 71 -25.72 9.95 -2.51
C GLU E 71 -26.51 8.71 -2.94
N GLY E 72 -27.80 8.91 -3.21
CA GLY E 72 -28.67 7.84 -3.65
C GLY E 72 -29.58 7.34 -2.54
N ASN E 73 -30.62 6.61 -2.94
CA ASN E 73 -31.50 6.00 -1.97
C ASN E 73 -30.92 4.65 -1.52
N THR E 74 -31.62 3.98 -0.61
CA THR E 74 -31.07 2.78 0.01
C THR E 74 -30.85 1.66 -0.99
N GLU E 75 -31.78 1.49 -1.92
CA GLU E 75 -31.64 0.45 -2.94
C GLU E 75 -30.37 0.65 -3.77
N ALA E 76 -30.14 1.88 -4.24
CA ALA E 76 -28.97 2.15 -5.07
C ALA E 76 -27.68 1.96 -4.28
N GLN E 77 -27.62 2.53 -3.08
CA GLN E 77 -26.43 2.40 -2.25
C GLN E 77 -26.19 0.96 -1.84
N ALA E 78 -27.25 0.19 -1.59
CA ALA E 78 -27.04 -1.22 -1.24
C ALA E 78 -26.42 -1.96 -2.41
N ARG E 79 -26.80 -1.61 -3.64
CA ARG E 79 -26.16 -2.22 -4.80
C ARG E 79 -24.68 -1.87 -4.83
N VAL E 80 -24.33 -0.63 -4.53
CA VAL E 80 -22.91 -0.28 -4.51
C VAL E 80 -22.19 -1.10 -3.44
N VAL E 81 -22.77 -1.18 -2.23
CA VAL E 81 -22.06 -1.82 -1.13
C VAL E 81 -21.99 -3.34 -1.33
N LEU E 82 -23.09 -3.97 -1.74
CA LEU E 82 -23.01 -5.41 -1.99
C LEU E 82 -22.04 -5.71 -3.13
N ARG E 83 -21.95 -4.82 -4.13
CA ARG E 83 -20.93 -4.98 -5.16
C ARG E 83 -19.52 -4.89 -4.55
N LYS E 84 -19.30 -3.96 -3.62
CA LYS E 84 -18.00 -3.94 -2.95
C LYS E 84 -17.70 -5.25 -2.26
N VAL E 85 -18.72 -5.85 -1.63
CA VAL E 85 -18.53 -7.13 -0.94
C VAL E 85 -18.15 -8.21 -1.96
N GLU E 86 -18.86 -8.26 -3.08
CA GLU E 86 -18.52 -9.21 -4.15
C GLU E 86 -17.07 -9.04 -4.61
N THR E 87 -16.68 -7.81 -4.96
CA THR E 87 -15.33 -7.59 -5.49
C THR E 87 -14.26 -7.89 -4.44
N ILE E 88 -14.42 -7.36 -3.22
CA ILE E 88 -13.42 -7.66 -2.20
C ILE E 88 -13.29 -9.17 -2.01
N LEU E 89 -14.42 -9.89 -1.97
CA LEU E 89 -14.35 -11.34 -1.82
C LEU E 89 -13.67 -12.00 -3.03
N ALA E 90 -14.05 -11.62 -4.25
CA ALA E 90 -13.44 -12.22 -5.44
C ALA E 90 -11.94 -12.01 -5.45
N SER E 91 -11.47 -10.84 -5.02
CA SER E 91 -10.04 -10.58 -5.06
C SER E 91 -9.26 -11.54 -4.17
N GLN E 92 -9.92 -12.28 -3.29
CA GLN E 92 -9.21 -13.33 -2.56
C GLN E 92 -9.83 -14.70 -2.76
N GLY E 93 -10.33 -14.99 -3.96
CA GLY E 93 -10.80 -16.32 -4.26
C GLY E 93 -12.08 -16.75 -3.62
N LEU E 94 -12.85 -15.84 -3.03
CA LEU E 94 -14.10 -16.17 -2.37
C LEU E 94 -15.27 -15.67 -3.19
N THR E 95 -16.41 -16.33 -3.03
CA THR E 95 -17.64 -16.02 -3.73
C THR E 95 -18.73 -15.60 -2.74
N LEU E 96 -19.86 -15.13 -3.29
CA LEU E 96 -20.99 -14.79 -2.46
C LEU E 96 -21.55 -16.01 -1.73
N GLY E 97 -21.35 -17.21 -2.30
CA GLY E 97 -21.73 -18.45 -1.62
C GLY E 97 -20.91 -18.76 -0.39
N ASP E 98 -19.71 -18.18 -0.28
CA ASP E 98 -18.87 -18.32 0.91
C ASP E 98 -19.29 -17.42 2.07
N VAL E 99 -20.23 -16.47 1.87
CA VAL E 99 -20.62 -15.58 2.95
C VAL E 99 -21.46 -16.36 3.95
N VAL E 100 -21.09 -16.27 5.23
CA VAL E 100 -21.83 -16.97 6.28
C VAL E 100 -22.69 -16.03 7.12
N GLN E 101 -22.28 -14.79 7.32
CA GLN E 101 -23.04 -13.85 8.13
C GLN E 101 -22.92 -12.46 7.54
N LEU E 102 -24.06 -11.80 7.39
CA LEU E 102 -24.18 -10.43 6.88
C LEU E 102 -24.88 -9.57 7.92
N ARG E 103 -24.20 -8.55 8.43
CA ARG E 103 -24.81 -7.57 9.32
C ARG E 103 -25.01 -6.28 8.54
N ILE E 104 -26.26 -5.82 8.46
CA ILE E 104 -26.62 -4.65 7.67
C ILE E 104 -27.18 -3.58 8.60
N TYR E 105 -26.54 -2.40 8.59
CA TYR E 105 -26.98 -1.25 9.36
C TYR E 105 -27.59 -0.23 8.42
N LEU E 106 -28.86 0.07 8.62
CA LEU E 106 -29.58 1.08 7.83
C LEU E 106 -29.81 2.35 8.63
N VAL E 107 -29.80 3.49 7.94
CA VAL E 107 -30.18 4.78 8.48
C VAL E 107 -31.57 5.09 7.96
N GLY E 108 -32.41 5.70 8.79
CA GLY E 108 -33.77 6.00 8.36
C GLY E 108 -33.82 6.96 7.20
N ASP E 109 -34.76 6.70 6.28
CA ASP E 109 -35.02 7.56 5.12
C ASP E 109 -36.15 8.53 5.47
N PRO E 110 -35.93 9.86 5.41
CA PRO E 110 -37.01 10.79 5.76
C PRO E 110 -38.34 10.55 5.03
N ALA E 111 -38.32 10.23 3.73
CA ALA E 111 -39.57 9.93 3.04
C ALA E 111 -40.33 8.76 3.67
N LEU E 112 -39.66 7.89 4.43
CA LEU E 112 -40.31 6.74 5.05
C LEU E 112 -40.61 6.94 6.52
N GLY E 113 -40.93 8.19 6.90
CA GLY E 113 -41.22 8.57 8.27
C GLY E 113 -40.02 8.53 9.15
N GLY E 114 -38.83 8.59 8.56
CA GLY E 114 -37.59 8.46 9.28
C GLY E 114 -37.20 7.03 9.57
N LYS E 115 -37.98 6.07 9.06
CA LYS E 115 -37.72 4.63 9.24
C LYS E 115 -36.75 4.10 8.18
N LEU E 116 -36.11 2.97 8.51
CA LEU E 116 -35.20 2.31 7.59
C LEU E 116 -35.97 1.76 6.38
N ASP E 117 -35.33 1.84 5.21
CA ASP E 117 -35.92 1.44 3.94
C ASP E 117 -35.62 -0.04 3.66
N PHE E 118 -36.35 -0.90 4.40
CA PHE E 118 -36.13 -2.33 4.25
C PHE E 118 -36.51 -2.80 2.86
N ASP E 119 -37.52 -2.19 2.25
CA ASP E 119 -37.91 -2.63 0.92
C ASP E 119 -36.85 -2.31 -0.12
N GLY E 120 -36.27 -1.10 -0.07
CA GLY E 120 -35.15 -0.80 -0.93
C GLY E 120 -33.98 -1.76 -0.73
N LEU E 121 -33.61 -2.00 0.53
CA LEU E 121 -32.54 -2.95 0.81
C LEU E 121 -32.87 -4.31 0.23
N GLN E 122 -34.11 -4.76 0.41
CA GLN E 122 -34.46 -6.09 -0.06
C GLN E 122 -34.45 -6.18 -1.58
N VAL E 123 -34.80 -5.10 -2.28
CA VAL E 123 -34.68 -5.14 -3.74
C VAL E 123 -33.26 -5.46 -4.13
N ALA E 124 -32.30 -4.68 -3.64
CA ALA E 124 -30.93 -4.92 -3.97
C ALA E 124 -30.49 -6.28 -3.46
N PHE E 125 -30.85 -6.60 -2.22
CA PHE E 125 -30.38 -7.83 -1.60
C PHE E 125 -30.75 -9.05 -2.42
N ARG E 126 -31.93 -9.04 -3.04
CA ARG E 126 -32.40 -10.22 -3.76
C ARG E 126 -31.56 -10.45 -5.03
N GLU E 127 -31.01 -9.38 -5.60
CA GLU E 127 -30.15 -9.50 -6.76
C GLU E 127 -28.85 -10.23 -6.43
N PHE E 128 -28.44 -10.30 -5.16
CA PHE E 128 -27.15 -10.89 -4.81
C PHE E 128 -27.24 -12.23 -4.11
N PHE E 129 -28.30 -12.51 -3.37
CA PHE E 129 -28.37 -13.71 -2.55
C PHE E 129 -29.65 -14.47 -2.86
N GLY E 130 -29.60 -15.78 -2.62
CA GLY E 130 -30.76 -16.61 -2.83
C GLY E 130 -31.22 -16.72 -4.26
N THR E 131 -30.37 -16.33 -5.22
CA THR E 131 -30.66 -16.45 -6.63
C THR E 131 -30.51 -17.92 -7.00
N GLN E 132 -30.36 -18.23 -8.28
CA GLN E 132 -30.20 -19.64 -8.62
C GLN E 132 -28.74 -20.02 -8.89
N LYS E 133 -28.01 -19.19 -9.64
CA LYS E 133 -26.55 -19.33 -9.70
C LYS E 133 -25.92 -19.21 -8.32
N GLN E 134 -26.49 -18.35 -7.46
CA GLN E 134 -26.04 -18.17 -6.08
C GLN E 134 -27.24 -18.47 -5.20
N PRO E 135 -27.46 -19.76 -4.85
CA PRO E 135 -28.68 -20.13 -4.09
C PRO E 135 -28.58 -19.90 -2.59
N LEU E 136 -27.35 -19.93 -2.07
CA LEU E 136 -27.17 -19.90 -0.63
C LEU E 136 -27.55 -18.52 -0.08
N LYS E 137 -28.07 -18.51 1.14
CA LYS E 137 -28.40 -17.26 1.80
C LYS E 137 -27.75 -17.32 3.17
N PRO E 138 -27.03 -16.30 3.60
CA PRO E 138 -26.36 -16.36 4.90
C PRO E 138 -27.25 -15.96 6.07
N ALA E 139 -26.73 -16.23 7.26
CA ALA E 139 -27.29 -15.65 8.48
C ALA E 139 -27.18 -14.14 8.39
N ARG E 140 -28.26 -13.42 8.70
CA ARG E 140 -28.15 -11.98 8.58
C ARG E 140 -29.00 -11.28 9.63
N THR E 141 -28.67 -10.02 9.83
CA THR E 141 -29.30 -9.13 10.79
C THR E 141 -29.34 -7.77 10.14
N THR E 142 -30.51 -7.15 10.09
CA THR E 142 -30.69 -5.79 9.60
C THR E 142 -31.33 -4.98 10.71
N VAL E 143 -30.65 -3.94 11.15
CA VAL E 143 -31.16 -3.10 12.21
C VAL E 143 -31.02 -1.65 11.76
N GLN E 144 -31.85 -0.78 12.34
CA GLN E 144 -31.79 0.64 12.05
C GLN E 144 -30.90 1.32 13.09
N VAL E 145 -29.79 1.90 12.64
CA VAL E 145 -28.91 2.69 13.49
C VAL E 145 -29.30 4.15 13.36
N ALA E 146 -28.70 5.01 14.20
CA ALA E 146 -28.96 6.44 14.18
C ALA E 146 -28.12 7.17 13.15
N GLY E 147 -26.94 6.66 12.84
CA GLY E 147 -26.07 7.32 11.88
C GLY E 147 -24.90 6.43 11.53
N LEU E 148 -24.22 6.79 10.44
CA LEU E 148 -23.01 6.20 9.92
C LEU E 148 -21.96 7.30 9.77
N VAL E 149 -20.68 6.91 9.61
CA VAL E 149 -19.63 7.92 9.63
C VAL E 149 -19.59 8.75 8.34
N LEU E 150 -20.22 8.30 7.27
CA LEU E 150 -20.18 9.04 6.02
C LEU E 150 -21.51 9.77 5.82
N PRO E 151 -21.51 11.10 5.77
CA PRO E 151 -22.76 11.84 5.55
C PRO E 151 -23.44 11.40 4.27
N GLY E 152 -24.77 11.32 4.31
CA GLY E 152 -25.54 10.81 3.20
C GLY E 152 -25.59 9.31 3.06
N ALA E 153 -24.74 8.56 3.76
CA ALA E 153 -24.80 7.10 3.71
C ALA E 153 -26.00 6.59 4.48
N LEU E 154 -26.73 5.66 3.87
CA LEU E 154 -27.93 5.04 4.41
C LEU E 154 -27.73 3.58 4.79
N ILE E 155 -26.55 3.02 4.53
CA ILE E 155 -26.30 1.59 4.72
C ILE E 155 -24.81 1.38 4.98
N GLU E 156 -24.53 0.50 5.93
CA GLU E 156 -23.20 -0.10 6.10
C GLU E 156 -23.41 -1.61 6.20
N VAL E 157 -22.54 -2.38 5.58
CA VAL E 157 -22.65 -3.83 5.55
C VAL E 157 -21.38 -4.45 6.08
N GLU E 158 -21.54 -5.40 6.99
CA GLU E 158 -20.43 -6.10 7.63
C GLU E 158 -20.51 -7.57 7.27
N THR E 159 -19.36 -8.17 6.90
CA THR E 159 -19.34 -9.48 6.26
C THR E 159 -18.42 -10.48 6.95
N VAL E 160 -18.90 -11.72 7.08
CA VAL E 160 -18.08 -12.86 7.47
C VAL E 160 -18.25 -13.92 6.40
N ALA E 161 -17.13 -14.45 5.90
CA ALA E 161 -17.12 -15.47 4.88
C ALA E 161 -16.21 -16.61 5.30
N ALA E 162 -16.43 -17.78 4.69
CA ALA E 162 -15.58 -18.92 5.00
C ALA E 162 -15.53 -19.89 3.82
N ARG E 163 -14.33 -20.31 3.42
CA ARG E 163 -14.16 -21.39 2.46
C ARG E 163 -13.62 -22.63 3.18
N ALA E 164 -14.34 -23.74 3.07
CA ALA E 164 -13.86 -25.04 3.57
C ALA E 164 -12.45 -25.35 3.08
N GLN F 38 -9.08 -3.72 5.43
CA GLN F 38 -10.35 -4.05 4.81
C GLN F 38 -10.75 -5.51 5.04
N SER F 39 -9.76 -6.39 5.22
CA SER F 39 -10.05 -7.81 5.45
C SER F 39 -8.97 -8.44 6.33
N VAL F 40 -9.41 -9.39 7.15
CA VAL F 40 -8.53 -10.21 7.98
C VAL F 40 -8.98 -11.65 7.82
N THR F 41 -8.02 -12.55 7.64
CA THR F 41 -8.30 -13.96 7.37
C THR F 41 -7.69 -14.80 8.49
N LEU F 42 -8.51 -15.67 9.08
CA LEU F 42 -8.12 -16.56 10.18
C LEU F 42 -7.88 -17.97 9.70
N PRO F 43 -6.71 -18.55 9.97
CA PRO F 43 -6.51 -19.98 9.70
C PRO F 43 -7.51 -20.82 10.49
N ALA F 44 -7.71 -22.06 10.02
CA ALA F 44 -8.62 -22.97 10.71
C ALA F 44 -8.11 -23.35 12.10
N ASN F 45 -6.80 -23.54 12.23
CA ASN F 45 -6.14 -23.80 13.51
C ASN F 45 -6.14 -22.59 14.47
N SER F 46 -6.89 -21.51 14.27
CA SER F 46 -6.84 -20.36 15.15
C SER F 46 -7.67 -20.57 16.40
N GLU F 47 -7.20 -20.04 17.51
CA GLU F 47 -8.00 -19.90 18.73
C GLU F 47 -8.61 -18.50 18.77
N VAL F 48 -9.93 -18.42 18.85
CA VAL F 48 -10.65 -17.17 18.74
C VAL F 48 -11.25 -16.82 20.10
N THR F 49 -11.08 -15.56 20.52
CA THR F 49 -11.59 -15.09 21.80
C THR F 49 -12.59 -13.96 21.55
N TYR F 50 -13.77 -14.07 22.15
CA TYR F 50 -14.83 -13.07 22.05
C TYR F 50 -14.96 -12.34 23.38
N LEU F 51 -14.90 -11.02 23.35
CA LEU F 51 -15.15 -10.24 24.55
C LEU F 51 -16.57 -9.68 24.53
N SER F 52 -17.13 -9.54 25.72
CA SER F 52 -18.34 -8.74 25.89
C SER F 52 -18.09 -7.29 25.49
N GLY F 53 -19.17 -6.62 25.12
CA GLY F 53 -19.07 -5.20 24.86
C GLY F 53 -18.60 -4.46 26.10
N LEU F 54 -17.73 -3.48 25.92
CA LEU F 54 -17.10 -2.77 27.01
C LEU F 54 -17.51 -1.30 27.00
N LEU F 55 -17.90 -0.80 28.15
CA LEU F 55 -18.29 0.58 28.33
C LEU F 55 -17.22 1.33 29.13
N PRO F 56 -17.22 2.66 29.09
CA PRO F 56 -16.37 3.41 30.02
C PRO F 56 -16.87 3.25 31.44
N ASP F 57 -16.00 3.59 32.38
CA ASP F 57 -16.32 3.46 33.79
C ASP F 57 -17.28 4.55 34.23
N PRO F 58 -18.23 4.22 35.10
CA PRO F 58 -19.01 5.28 35.75
C PRO F 58 -18.14 6.11 36.69
N VAL F 59 -18.51 7.39 36.84
CA VAL F 59 -17.74 8.27 37.72
C VAL F 59 -17.94 7.87 39.19
N ASP F 60 -19.09 7.28 39.50
CA ASP F 60 -19.38 6.68 40.81
C ASP F 60 -19.96 5.29 40.56
N PRO F 61 -19.12 4.25 40.60
CA PRO F 61 -19.63 2.90 40.34
C PRO F 61 -20.60 2.40 41.39
N LYS F 62 -20.63 3.03 42.57
CA LYS F 62 -21.56 2.68 43.63
C LYS F 62 -22.74 3.63 43.73
N ALA F 63 -22.77 4.70 42.95
CA ALA F 63 -23.94 5.57 43.02
C ALA F 63 -25.18 4.77 42.70
N SER F 64 -26.32 5.34 43.06
CA SER F 64 -27.57 4.63 42.90
C SER F 64 -27.89 4.45 41.43
N LYS F 65 -28.81 3.53 41.17
CA LYS F 65 -29.16 3.18 39.80
C LYS F 65 -29.73 4.38 39.04
N GLU F 66 -30.19 5.41 39.76
CA GLU F 66 -30.82 6.58 39.15
C GLU F 66 -29.85 7.74 38.87
N GLN F 67 -28.68 7.79 39.54
CA GLN F 67 -27.63 8.77 39.23
C GLN F 67 -26.40 8.22 38.54
N ILE F 68 -26.31 6.91 38.32
CA ILE F 68 -25.11 6.34 37.72
C ILE F 68 -24.99 6.81 36.27
N HIS F 69 -23.79 7.24 35.88
CA HIS F 69 -23.52 7.84 34.58
C HIS F 69 -22.02 7.92 34.37
N ALA F 70 -21.61 8.03 33.11
CA ALA F 70 -20.21 8.18 32.75
C ALA F 70 -19.94 9.59 32.22
N GLU F 71 -18.67 9.98 32.19
CA GLU F 71 -18.27 11.33 31.83
C GLU F 71 -17.16 11.31 30.78
N GLY F 72 -16.92 12.47 30.18
CA GLY F 72 -15.90 12.61 29.17
C GLY F 72 -16.46 12.62 27.76
N ASN F 73 -15.67 13.12 26.82
CA ASN F 73 -16.06 13.09 25.43
C ASN F 73 -15.67 11.75 24.81
N THR F 74 -15.93 11.59 23.51
CA THR F 74 -15.74 10.28 22.89
C THR F 74 -14.27 9.85 22.92
N GLU F 75 -13.35 10.77 22.64
CA GLU F 75 -11.92 10.42 22.66
C GLU F 75 -11.49 9.94 24.04
N ALA F 76 -11.89 10.65 25.09
CA ALA F 76 -11.49 10.27 26.44
C ALA F 76 -12.08 8.91 26.83
N GLN F 77 -13.37 8.70 26.58
CA GLN F 77 -14.02 7.43 26.91
C GLN F 77 -13.47 6.27 26.09
N ALA F 78 -13.16 6.49 24.82
CA ALA F 78 -12.60 5.41 24.02
C ALA F 78 -11.24 4.98 24.55
N ARG F 79 -10.44 5.95 25.03
CA ARG F 79 -9.14 5.60 25.59
C ARG F 79 -9.30 4.68 26.80
N VAL F 80 -10.26 4.98 27.66
CA VAL F 80 -10.55 4.10 28.79
C VAL F 80 -11.00 2.72 28.30
N VAL F 81 -11.88 2.69 27.30
CA VAL F 81 -12.43 1.42 26.87
C VAL F 81 -11.36 0.59 26.17
N LEU F 82 -10.54 1.24 25.32
CA LEU F 82 -9.47 0.50 24.67
C LEU F 82 -8.48 -0.07 25.67
N ARG F 83 -8.23 0.67 26.77
CA ARG F 83 -7.37 0.15 27.83
C ARG F 83 -7.99 -1.07 28.50
N LYS F 84 -9.31 -1.04 28.73
CA LYS F 84 -10.00 -2.22 29.26
C LYS F 84 -9.81 -3.42 28.34
N VAL F 85 -9.93 -3.21 27.02
CA VAL F 85 -9.69 -4.30 26.07
C VAL F 85 -8.26 -4.80 26.21
N GLU F 86 -7.30 -3.87 26.27
CA GLU F 86 -5.91 -4.24 26.49
C GLU F 86 -5.75 -5.10 27.74
N THR F 87 -6.30 -4.63 28.87
CA THR F 87 -6.15 -5.34 30.12
C THR F 87 -6.82 -6.71 30.06
N ILE F 88 -8.06 -6.76 29.56
CA ILE F 88 -8.75 -8.04 29.46
C ILE F 88 -7.94 -9.01 28.58
N LEU F 89 -7.45 -8.53 27.45
CA LEU F 89 -6.68 -9.39 26.54
C LEU F 89 -5.40 -9.90 27.18
N ALA F 90 -4.64 -9.02 27.84
CA ALA F 90 -3.38 -9.46 28.46
C ALA F 90 -3.60 -10.61 29.43
N SER F 91 -4.65 -10.53 30.24
CA SER F 91 -4.93 -11.61 31.18
C SER F 91 -5.29 -12.91 30.48
N GLN F 92 -5.48 -12.88 29.16
CA GLN F 92 -5.71 -14.08 28.37
C GLN F 92 -4.49 -14.43 27.54
N GLY F 93 -3.35 -13.81 27.87
CA GLY F 93 -2.17 -14.04 27.07
C GLY F 93 -2.22 -13.37 25.71
N LEU F 94 -3.17 -12.48 25.48
CA LEU F 94 -3.34 -11.87 24.19
C LEU F 94 -2.94 -10.40 24.21
N THR F 95 -2.56 -9.90 23.04
CA THR F 95 -2.22 -8.50 22.82
C THR F 95 -3.19 -7.86 21.83
N LEU F 96 -3.09 -6.54 21.72
CA LEU F 96 -3.92 -5.82 20.75
C LEU F 96 -3.62 -6.25 19.31
N GLY F 97 -2.43 -6.79 19.05
CA GLY F 97 -2.18 -7.33 17.73
C GLY F 97 -3.02 -8.55 17.41
N ASP F 98 -3.53 -9.23 18.43
CA ASP F 98 -4.39 -10.38 18.25
C ASP F 98 -5.81 -10.02 17.85
N VAL F 99 -6.19 -8.74 17.91
CA VAL F 99 -7.56 -8.35 17.59
C VAL F 99 -7.78 -8.46 16.08
N VAL F 100 -8.85 -9.16 15.70
CA VAL F 100 -9.20 -9.33 14.30
C VAL F 100 -10.44 -8.53 13.92
N GLN F 101 -11.33 -8.26 14.87
CA GLN F 101 -12.54 -7.52 14.54
C GLN F 101 -12.90 -6.62 15.72
N LEU F 102 -13.13 -5.34 15.41
CA LEU F 102 -13.53 -4.34 16.38
C LEU F 102 -14.87 -3.78 15.93
N ARG F 103 -15.89 -3.96 16.75
CA ARG F 103 -17.19 -3.33 16.53
C ARG F 103 -17.31 -2.18 17.51
N ILE F 104 -17.51 -0.97 16.99
CA ILE F 104 -17.58 0.22 17.84
C ILE F 104 -18.97 0.84 17.69
N TYR F 105 -19.66 0.99 18.80
CA TYR F 105 -20.97 1.63 18.82
C TYR F 105 -20.83 3.01 19.47
N LEU F 106 -21.10 4.06 18.70
CA LEU F 106 -21.00 5.42 19.18
C LEU F 106 -22.38 5.98 19.41
N VAL F 107 -22.50 6.83 20.42
CA VAL F 107 -23.71 7.59 20.66
C VAL F 107 -23.45 9.00 20.19
N GLY F 108 -24.47 9.66 19.65
CA GLY F 108 -24.29 11.04 19.23
C GLY F 108 -23.92 11.92 20.41
N ASP F 109 -22.97 12.82 20.20
CA ASP F 109 -22.53 13.69 21.27
C ASP F 109 -23.45 14.91 21.28
N PRO F 110 -24.15 15.17 22.39
CA PRO F 110 -24.96 16.41 22.44
C PRO F 110 -24.14 17.62 22.07
N ALA F 111 -22.89 17.71 22.55
CA ALA F 111 -22.00 18.81 22.21
C ALA F 111 -21.79 18.96 20.72
N LEU F 112 -22.00 17.89 19.95
CA LEU F 112 -21.89 17.97 18.49
C LEU F 112 -23.27 17.92 17.82
N GLY F 113 -24.30 18.44 18.50
CA GLY F 113 -25.63 18.42 17.92
C GLY F 113 -26.22 17.04 17.77
N GLY F 114 -25.79 16.08 18.59
CA GLY F 114 -26.26 14.72 18.50
C GLY F 114 -25.59 13.88 17.45
N LYS F 115 -24.57 14.38 16.78
CA LYS F 115 -23.85 13.58 15.80
C LYS F 115 -22.71 12.81 16.45
N LEU F 116 -22.32 11.70 15.82
CA LEU F 116 -21.22 10.89 16.29
C LEU F 116 -19.88 11.61 16.15
N ASP F 117 -19.05 11.49 17.18
CA ASP F 117 -17.74 12.15 17.23
C ASP F 117 -16.71 11.16 16.69
N PHE F 118 -16.73 11.00 15.36
CA PHE F 118 -15.80 10.08 14.71
C PHE F 118 -14.35 10.51 14.90
N ASP F 119 -14.08 11.82 14.89
CA ASP F 119 -12.70 12.27 15.00
C ASP F 119 -12.12 11.96 16.38
N GLY F 120 -12.91 12.15 17.45
CA GLY F 120 -12.44 11.76 18.76
C GLY F 120 -12.07 10.29 18.84
N LEU F 121 -12.92 9.43 18.29
CA LEU F 121 -12.63 8.01 18.25
C LEU F 121 -11.32 7.72 17.54
N GLN F 122 -11.04 8.42 16.44
CA GLN F 122 -9.82 8.14 15.67
C GLN F 122 -8.56 8.50 16.44
N VAL F 123 -8.60 9.58 17.23
CA VAL F 123 -7.43 9.96 18.03
C VAL F 123 -7.04 8.83 18.98
N ALA F 124 -7.97 8.41 19.83
CA ALA F 124 -7.66 7.37 20.81
C ALA F 124 -7.33 6.07 20.10
N PHE F 125 -8.14 5.70 19.12
CA PHE F 125 -7.93 4.46 18.41
C PHE F 125 -6.55 4.42 17.78
N ARG F 126 -6.08 5.55 17.27
CA ARG F 126 -4.77 5.58 16.64
C ARG F 126 -3.66 5.43 17.67
N GLU F 127 -3.93 5.78 18.93
CA GLU F 127 -2.96 5.52 20.00
C GLU F 127 -2.79 4.03 20.27
N PHE F 128 -3.77 3.21 19.92
CA PHE F 128 -3.77 1.80 20.27
C PHE F 128 -3.55 0.87 19.08
N PHE F 129 -3.92 1.28 17.88
CA PHE F 129 -3.83 0.40 16.71
C PHE F 129 -3.05 1.10 15.61
N GLY F 130 -2.37 0.29 14.79
CA GLY F 130 -1.48 0.77 13.76
C GLY F 130 -0.24 1.49 14.24
N THR F 131 0.08 1.40 15.54
CA THR F 131 1.31 1.94 16.12
C THR F 131 2.47 0.97 15.89
N GLN F 132 3.53 1.06 16.70
CA GLN F 132 4.71 0.19 16.52
C GLN F 132 4.80 -0.95 17.53
N LYS F 133 4.54 -0.69 18.82
CA LYS F 133 4.41 -1.82 19.74
C LYS F 133 3.34 -2.76 19.23
N GLN F 134 2.27 -2.20 18.64
CA GLN F 134 1.20 -2.95 17.99
C GLN F 134 0.92 -2.39 16.59
N PRO F 135 1.50 -2.99 15.52
CA PRO F 135 1.30 -2.45 14.15
C PRO F 135 0.02 -2.84 13.40
N LEU F 136 -0.57 -4.02 13.67
CA LEU F 136 -1.74 -4.46 12.90
C LEU F 136 -3.00 -3.69 13.27
N LYS F 137 -3.92 -3.68 12.30
CA LYS F 137 -5.19 -3.03 12.43
C LYS F 137 -6.27 -4.07 12.11
N PRO F 138 -7.30 -4.25 12.94
CA PRO F 138 -8.30 -5.28 12.66
C PRO F 138 -9.41 -4.79 11.73
N ALA F 139 -10.18 -5.75 11.24
CA ALA F 139 -11.45 -5.43 10.60
C ALA F 139 -12.31 -4.68 11.60
N ARG F 140 -12.92 -3.58 11.16
CA ARG F 140 -13.70 -2.82 12.12
C ARG F 140 -14.90 -2.16 11.47
N THR F 141 -15.82 -1.79 12.35
CA THR F 141 -17.08 -1.16 11.99
C THR F 141 -17.41 -0.16 13.07
N THR F 142 -17.71 1.08 12.67
CA THR F 142 -18.17 2.10 13.61
C THR F 142 -19.50 2.63 13.15
N VAL F 143 -20.53 2.45 13.98
CA VAL F 143 -21.87 2.93 13.68
C VAL F 143 -22.39 3.68 14.89
N GLN F 144 -23.38 4.53 14.66
CA GLN F 144 -24.03 5.31 15.70
C GLN F 144 -25.34 4.63 16.11
N VAL F 145 -25.39 4.21 17.37
CA VAL F 145 -26.60 3.63 17.92
C VAL F 145 -27.39 4.73 18.59
N ALA F 146 -28.62 4.41 19.00
CA ALA F 146 -29.47 5.37 19.68
C ALA F 146 -29.13 5.48 21.16
N GLY F 147 -28.57 4.44 21.75
CA GLY F 147 -28.25 4.55 23.15
C GLY F 147 -27.44 3.35 23.61
N LEU F 148 -26.86 3.51 24.80
CA LEU F 148 -26.16 2.45 25.52
C LEU F 148 -26.78 2.33 26.90
N VAL F 149 -26.47 1.23 27.61
CA VAL F 149 -27.11 1.00 28.91
C VAL F 149 -26.55 1.93 29.99
N LEU F 150 -25.40 2.56 29.76
CA LEU F 150 -24.84 3.47 30.73
C LEU F 150 -25.08 4.90 30.28
N PRO F 151 -25.87 5.69 31.03
CA PRO F 151 -26.08 7.09 30.66
C PRO F 151 -24.75 7.85 30.62
N GLY F 152 -24.65 8.77 29.68
CA GLY F 152 -23.41 9.49 29.49
C GLY F 152 -22.35 8.73 28.73
N ALA F 153 -22.52 7.43 28.51
CA ALA F 153 -21.56 6.71 27.69
C ALA F 153 -21.73 7.09 26.23
N LEU F 154 -20.63 7.38 25.56
CA LEU F 154 -20.68 7.70 24.15
C LEU F 154 -20.12 6.57 23.29
N ILE F 155 -19.58 5.52 23.92
CA ILE F 155 -18.92 4.46 23.17
C ILE F 155 -19.00 3.15 23.94
N GLU F 156 -19.25 2.07 23.19
CA GLU F 156 -19.08 0.70 23.62
C GLU F 156 -18.27 -0.01 22.55
N VAL F 157 -17.33 -0.86 22.95
CA VAL F 157 -16.46 -1.56 22.01
C VAL F 157 -16.61 -3.06 22.22
N GLU F 158 -16.76 -3.79 21.11
CA GLU F 158 -16.91 -5.25 21.06
C GLU F 158 -15.71 -5.82 20.32
N THR F 159 -15.08 -6.84 20.90
CA THR F 159 -13.77 -7.31 20.43
C THR F 159 -13.75 -8.81 20.16
N VAL F 160 -13.08 -9.17 19.07
CA VAL F 160 -12.72 -10.54 18.74
C VAL F 160 -11.22 -10.60 18.50
N ALA F 161 -10.55 -11.57 19.12
CA ALA F 161 -9.12 -11.76 18.95
C ALA F 161 -8.83 -13.21 18.57
N ALA F 162 -7.66 -13.44 17.96
CA ALA F 162 -7.28 -14.80 17.56
C ALA F 162 -5.77 -14.96 17.47
N ARG F 163 -5.27 -16.06 18.05
CA ARG F 163 -3.90 -16.52 17.85
C ARG F 163 -3.86 -17.77 16.96
N ALA F 164 -3.09 -17.71 15.89
CA ALA F 164 -2.89 -18.89 15.04
C ALA F 164 -2.15 -20.01 15.80
#